data_5OEU
#
_entry.id   5OEU
#
_cell.length_a   80.270
_cell.length_b   121.079
_cell.length_c   128.338
_cell.angle_alpha   90.000
_cell.angle_beta   90.000
_cell.angle_gamma   90.000
#
_symmetry.space_group_name_H-M   'P 21 21 21'
#
loop_
_entity.id
_entity.type
_entity.pdbx_description
1 polymer 'Glutathione synthetase-like effector 22 (Gpa-GSS22-closed)'
2 non-polymer "ADENOSINE-5'-DIPHOSPHATE"
3 non-polymer 'MAGNESIUM ION'
4 water water
#
_entity_poly.entity_id   1
_entity_poly.type   'polypeptide(L)'
_entity_poly.pdbx_seq_one_letter_code
;MNCDNAKFIIFFFFIIFLCANFAVCNELEDYVEKSVNSETKLHKLADFAIDWAHNNGLILRTKQFLNKSDVAEFAPVSLL
PSPFPRHAFEKAVAVHEALQLLYFRVACDYEFMMDAYKDVVNTDNHLRQLVNIIKDAHKQGIKQPTTLLIMRADYMLNTL
NSKGNDDEYELKQVEVNTGAIGGLGIDRRTTELHRQMLRKVGMDTSNSPANNGDSNMIESLFMAWEAFGNKNALFVFLSH
ERLQYKFELRNIQCQLEELSNGQMKVEYVSLKAGYEQLKLGEDYSLLLNGEIVGVVYSTISALGHQANAREMEARRTIEL
SNAIKAPSLAIAISSSKKIQQLLTTPGTLERFFPSATEADKVAAIRETFTGLWGLEKSDDQTERRIKDAIENPANYVLKS
NGECGGNNFYDEALAEKLRTMPQAERASHILMQKLIPMATKNYFLRPFHEPKLNVVVGELGVNGTLLGNLRDQSVRHNVQ
SGHLLRTKLREANEGGISVGTGVGDSPYLF
;
_entity_poly.pdbx_strand_id   A,C
#
loop_
_chem_comp.id
_chem_comp.type
_chem_comp.name
_chem_comp.formula
ADP non-polymer ADENOSINE-5'-DIPHOSPHATE 'C10 H15 N5 O10 P2'
MG non-polymer 'MAGNESIUM ION' 'Mg 2'
#
# COMPACT_ATOMS: atom_id res chain seq x y z
N GLU A 29 22.20 -7.26 21.57
CA GLU A 29 21.19 -8.09 20.84
C GLU A 29 21.62 -8.38 19.39
N ASP A 30 21.66 -9.66 19.06
CA ASP A 30 21.83 -10.10 17.66
C ASP A 30 20.75 -11.15 17.34
N TYR A 31 19.50 -10.75 17.60
CA TYR A 31 18.34 -11.62 17.42
C TYR A 31 18.07 -11.88 15.94
N VAL A 32 18.49 -10.94 15.06
CA VAL A 32 18.23 -11.06 13.62
C VAL A 32 18.93 -12.29 13.06
N GLU A 33 20.21 -12.43 13.39
CA GLU A 33 21.01 -13.61 13.00
C GLU A 33 20.46 -14.92 13.60
N LYS A 34 20.01 -14.84 14.85
CA LYS A 34 19.40 -15.95 15.59
C LYS A 34 18.05 -16.38 15.00
N SER A 35 17.30 -15.41 14.48
CA SER A 35 15.95 -15.62 13.94
C SER A 35 15.88 -16.02 12.47
N VAL A 36 16.98 -15.83 11.74
CA VAL A 36 17.07 -16.14 10.32
C VAL A 36 18.22 -17.11 10.12
N ASN A 37 17.92 -18.40 10.22
CA ASN A 37 18.92 -19.45 10.34
C ASN A 37 19.09 -20.36 9.11
N SER A 38 18.55 -19.96 7.95
CA SER A 38 18.81 -20.64 6.68
C SER A 38 18.44 -19.75 5.48
N GLU A 39 18.95 -20.08 4.30
CA GLU A 39 18.58 -19.34 3.07
C GLU A 39 17.10 -19.61 2.72
N THR A 40 16.63 -20.81 3.04
CA THR A 40 15.19 -21.14 2.88
C THR A 40 14.29 -20.25 3.74
N LYS A 41 14.65 -20.06 5.00
CA LYS A 41 13.89 -19.15 5.87
C LYS A 41 14.03 -17.70 5.43
N LEU A 42 15.21 -17.32 4.94
CA LEU A 42 15.42 -15.96 4.48
C LEU A 42 14.48 -15.62 3.32
N HIS A 43 14.36 -16.51 2.35
CA HIS A 43 13.50 -16.26 1.18
C HIS A 43 12.02 -16.32 1.53
N LYS A 44 11.62 -17.23 2.43
CA LYS A 44 10.23 -17.32 2.86
C LYS A 44 9.76 -16.03 3.58
N LEU A 45 10.61 -15.47 4.42
CA LEU A 45 10.32 -14.22 5.11
C LEU A 45 10.32 -13.01 4.18
N ALA A 46 11.38 -12.92 3.34
CA ALA A 46 11.50 -11.85 2.35
C ALA A 46 10.32 -11.82 1.39
N ASP A 47 9.92 -13.00 0.93
CA ASP A 47 8.84 -13.14 -0.03
C ASP A 47 7.56 -12.62 0.59
N PHE A 48 7.33 -12.99 1.84
CA PHE A 48 6.15 -12.56 2.58
C PHE A 48 6.14 -11.03 2.75
N ALA A 49 7.27 -10.48 3.17
CA ALA A 49 7.41 -9.04 3.41
C ALA A 49 7.18 -8.18 2.17
N ILE A 50 7.69 -8.64 1.02
CA ILE A 50 7.55 -7.92 -0.24
C ILE A 50 6.09 -7.87 -0.65
N ASP A 51 5.41 -9.01 -0.61
CA ASP A 51 3.97 -9.05 -0.90
C ASP A 51 3.19 -8.21 0.09
N TRP A 52 3.54 -8.28 1.37
CA TRP A 52 2.88 -7.44 2.40
C TRP A 52 3.02 -5.95 2.08
N ALA A 53 4.20 -5.55 1.60
CA ALA A 53 4.49 -4.16 1.31
C ALA A 53 3.59 -3.65 0.22
N HIS A 54 3.51 -4.40 -0.87
CA HIS A 54 2.60 -4.01 -1.96
C HIS A 54 1.13 -3.97 -1.51
N ASN A 55 0.70 -4.98 -0.74
CA ASN A 55 -0.69 -5.04 -0.26
C ASN A 55 -1.06 -3.95 0.75
N ASN A 56 -0.08 -3.31 1.40
CA ASN A 56 -0.38 -2.30 2.40
C ASN A 56 0.15 -0.92 2.06
N GLY A 57 0.59 -0.74 0.82
CA GLY A 57 0.97 0.58 0.31
C GLY A 57 2.33 1.08 0.75
N LEU A 58 3.23 0.15 1.13
CA LEU A 58 4.62 0.47 1.44
C LEU A 58 5.39 0.44 0.13
N ILE A 59 5.12 1.47 -0.69
CA ILE A 59 5.54 1.48 -2.09
C ILE A 59 6.04 2.84 -2.55
N LEU A 60 6.79 2.81 -3.65
CA LEU A 60 7.28 4.01 -4.33
C LEU A 60 7.17 3.78 -5.83
N ARG A 61 7.19 4.87 -6.60
CA ARG A 61 7.32 4.75 -8.06
C ARG A 61 8.71 4.23 -8.38
N THR A 62 8.80 3.48 -9.48
CA THR A 62 10.08 2.91 -9.92
C THR A 62 10.99 4.05 -10.38
N LYS A 63 12.31 3.86 -10.25
CA LYS A 63 13.27 4.87 -10.75
C LYS A 63 13.11 5.07 -12.26
N GLN A 64 12.80 3.97 -12.96
CA GLN A 64 12.59 3.96 -14.42
C GLN A 64 11.43 4.88 -14.89
N PHE A 65 10.40 5.03 -14.06
CA PHE A 65 9.18 5.78 -14.42
C PHE A 65 8.74 6.70 -13.27
N LEU A 66 9.57 7.66 -12.89
CA LEU A 66 9.24 8.59 -11.79
C LEU A 66 8.05 9.54 -12.09
N ASN A 67 7.66 9.65 -13.36
CA ASN A 67 6.50 10.46 -13.78
C ASN A 67 5.18 9.67 -13.91
N LYS A 68 5.23 8.37 -13.66
CA LYS A 68 4.13 7.43 -13.91
C LYS A 68 3.91 6.47 -12.74
N SER A 69 2.65 6.26 -12.39
CA SER A 69 2.27 5.33 -11.32
C SER A 69 1.80 3.94 -11.83
N ASP A 70 1.90 3.67 -13.13
CA ASP A 70 1.42 2.41 -13.67
C ASP A 70 2.08 1.23 -12.97
N VAL A 71 3.38 1.35 -12.71
CA VAL A 71 4.07 0.36 -11.89
C VAL A 71 4.60 1.00 -10.62
N ALA A 72 4.79 0.16 -9.62
CA ALA A 72 5.33 0.58 -8.36
C ALA A 72 6.20 -0.54 -7.80
N GLU A 73 7.23 -0.14 -7.05
CA GLU A 73 8.09 -1.09 -6.38
C GLU A 73 7.87 -0.88 -4.89
N PHE A 74 8.27 -1.86 -4.10
CA PHE A 74 8.18 -1.76 -2.64
C PHE A 74 9.30 -0.85 -2.13
N ALA A 75 9.02 -0.16 -1.03
CA ALA A 75 9.98 0.77 -0.44
C ALA A 75 11.13 -0.03 0.15
N PRO A 76 12.37 0.42 -0.04
CA PRO A 76 13.49 -0.36 0.48
C PRO A 76 13.48 -0.37 2.03
N VAL A 77 13.58 -1.55 2.63
CA VAL A 77 13.43 -1.71 4.08
C VAL A 77 14.32 -2.83 4.62
N SER A 78 14.60 -2.77 5.91
CA SER A 78 15.23 -3.90 6.59
C SER A 78 14.20 -5.01 6.74
N LEU A 79 14.69 -6.24 6.83
CA LEU A 79 13.83 -7.41 6.98
C LEU A 79 13.19 -7.43 8.38
N LEU A 80 13.98 -7.14 9.40
CA LEU A 80 13.52 -7.08 10.79
C LEU A 80 13.86 -5.73 11.41
N PRO A 81 13.14 -5.33 12.48
CA PRO A 81 13.43 -4.04 13.12
C PRO A 81 14.77 -4.08 13.87
N SER A 82 15.64 -3.12 13.60
CA SER A 82 16.98 -3.07 14.16
C SER A 82 16.92 -2.80 15.67
N PRO A 83 17.72 -3.52 16.49
CA PRO A 83 17.80 -3.19 17.91
C PRO A 83 18.22 -1.75 18.18
N PHE A 84 17.55 -1.12 19.13
CA PHE A 84 17.84 0.25 19.53
C PHE A 84 17.59 0.36 21.05
N PRO A 85 18.49 1.02 21.80
CA PRO A 85 18.26 1.17 23.24
C PRO A 85 16.96 1.87 23.59
N ARG A 86 16.22 1.34 24.56
CA ARG A 86 14.96 1.96 25.02
C ARG A 86 15.18 3.35 25.63
N HIS A 87 16.24 3.54 26.41
CA HIS A 87 16.54 4.83 27.03
C HIS A 87 16.76 5.94 25.98
N ALA A 88 17.49 5.63 24.91
CA ALA A 88 17.83 6.61 23.88
C ALA A 88 16.60 6.99 23.04
N PHE A 89 15.76 6.00 22.70
CA PHE A 89 14.50 6.28 22.03
C PHE A 89 13.61 7.17 22.89
N GLU A 90 13.52 6.88 24.18
CA GLU A 90 12.64 7.65 25.07
C GLU A 90 13.13 9.08 25.25
N LYS A 91 14.43 9.25 25.32
CA LYS A 91 15.06 10.57 25.39
C LYS A 91 14.73 11.43 24.15
N ALA A 92 14.89 10.84 22.97
CA ALA A 92 14.70 11.55 21.70
C ALA A 92 13.26 11.98 21.46
N VAL A 93 12.33 11.10 21.83
CA VAL A 93 10.89 11.38 21.75
C VAL A 93 10.46 12.47 22.76
N ALA A 94 10.94 12.35 24.00
CA ALA A 94 10.61 13.27 25.09
C ALA A 94 10.98 14.74 24.83
N VAL A 95 12.14 14.96 24.19
CA VAL A 95 12.67 16.32 23.99
C VAL A 95 12.12 17.00 22.75
N HIS A 96 11.30 16.30 21.95
CA HIS A 96 10.94 16.78 20.63
C HIS A 96 10.05 18.01 20.66
N GLU A 97 9.08 18.05 21.57
CA GLU A 97 8.17 19.21 21.66
C GLU A 97 8.90 20.49 22.04
N ALA A 98 9.88 20.36 22.91
CA ALA A 98 10.73 21.48 23.29
C ALA A 98 11.66 21.86 22.12
N LEU A 99 12.18 20.87 21.41
CA LEU A 99 13.00 21.14 20.22
C LEU A 99 12.18 21.88 19.15
N GLN A 100 10.93 21.48 18.97
CA GLN A 100 10.06 22.14 18.00
C GLN A 100 9.77 23.59 18.42
N LEU A 101 9.50 23.80 19.70
CA LEU A 101 9.28 25.13 20.24
C LEU A 101 10.51 26.01 20.05
N LEU A 102 11.69 25.43 20.22
CA LEU A 102 12.95 26.16 19.99
C LEU A 102 13.05 26.71 18.60
N TYR A 103 12.90 25.84 17.61
CA TYR A 103 13.07 26.22 16.20
C TYR A 103 11.95 27.13 15.71
N PHE A 104 10.74 26.95 16.23
CA PHE A 104 9.65 27.90 15.97
C PHE A 104 10.08 29.31 16.42
N ARG A 105 10.55 29.42 17.66
CA ARG A 105 11.05 30.70 18.17
C ARG A 105 12.27 31.27 17.44
N VAL A 106 13.15 30.38 16.96
CA VAL A 106 14.28 30.79 16.13
C VAL A 106 13.75 31.41 14.83
N ALA A 107 12.85 30.68 14.16
CA ALA A 107 12.23 31.17 12.92
C ALA A 107 11.56 32.54 13.11
N CYS A 108 10.94 32.74 14.26
CA CYS A 108 10.25 34.01 14.55
C CYS A 108 11.16 35.18 14.95
N ASP A 109 12.44 34.92 15.23
CA ASP A 109 13.41 35.93 15.67
C ASP A 109 14.18 36.42 14.44
N TYR A 110 13.63 37.45 13.81
CA TYR A 110 14.20 38.01 12.59
C TYR A 110 15.65 38.48 12.78
N GLU A 111 15.95 39.10 13.92
CA GLU A 111 17.30 39.64 14.18
C GLU A 111 18.33 38.50 14.27
N PHE A 112 17.95 37.42 14.95
CA PHE A 112 18.79 36.22 15.03
C PHE A 112 19.03 35.56 13.67
N MET A 113 17.98 35.42 12.86
CA MET A 113 18.09 34.81 11.54
C MET A 113 18.99 35.60 10.58
N MET A 114 18.80 36.93 10.54
CA MET A 114 19.61 37.79 9.66
C MET A 114 21.09 37.77 10.06
N ASP A 115 21.34 37.77 11.37
CA ASP A 115 22.71 37.71 11.91
C ASP A 115 23.42 36.38 11.59
N ALA A 116 22.69 35.28 11.71
CA ALA A 116 23.22 33.96 11.38
C ALA A 116 23.56 33.80 9.91
N TYR A 117 22.90 34.56 9.04
CA TYR A 117 23.09 34.48 7.59
C TYR A 117 23.89 35.64 6.98
N LYS A 118 24.34 36.61 7.79
CA LYS A 118 24.98 37.83 7.27
C LYS A 118 26.27 37.60 6.45
N ASP A 119 27.04 36.58 6.82
CA ASP A 119 28.29 36.22 6.10
C ASP A 119 28.06 35.22 4.99
N VAL A 120 27.32 34.16 5.30
CA VAL A 120 27.00 33.09 4.35
C VAL A 120 26.39 33.64 3.04
N VAL A 121 25.50 34.61 3.16
CA VAL A 121 24.92 35.39 2.05
C VAL A 121 25.90 35.81 0.95
N ASN A 122 27.11 36.23 1.33
CA ASN A 122 28.10 36.80 0.38
C ASN A 122 28.77 35.76 -0.54
N THR A 123 28.81 34.49 -0.12
CA THR A 123 29.46 33.42 -0.88
C THR A 123 28.48 32.45 -1.59
N ASP A 124 27.19 32.48 -1.23
CA ASP A 124 26.19 31.51 -1.69
C ASP A 124 24.93 32.22 -2.23
N ASN A 125 24.78 32.23 -3.54
CA ASN A 125 23.66 32.94 -4.20
C ASN A 125 22.28 32.31 -3.93
N HIS A 126 22.24 30.99 -3.76
CA HIS A 126 20.99 30.28 -3.41
C HIS A 126 20.44 30.80 -2.07
N LEU A 127 21.28 30.78 -1.03
CA LEU A 127 20.91 31.30 0.28
C LEU A 127 20.67 32.81 0.29
N ARG A 128 21.35 33.56 -0.57
CA ARG A 128 21.11 34.99 -0.69
C ARG A 128 19.69 35.27 -1.22
N GLN A 129 19.31 34.63 -2.31
CA GLN A 129 17.95 34.78 -2.84
C GLN A 129 16.87 34.44 -1.80
N LEU A 130 17.07 33.35 -1.05
CA LEU A 130 16.12 32.94 0.01
C LEU A 130 15.99 33.94 1.16
N VAL A 131 17.12 34.45 1.63
CA VAL A 131 17.12 35.45 2.69
C VAL A 131 16.47 36.75 2.20
N ASN A 132 16.70 37.11 0.94
CA ASN A 132 16.05 38.30 0.35
C ASN A 132 14.53 38.18 0.26
N ILE A 133 14.03 36.95 0.11
CA ILE A 133 12.57 36.72 0.16
C ILE A 133 12.05 37.01 1.56
N ILE A 134 12.75 36.47 2.57
CA ILE A 134 12.42 36.71 3.97
C ILE A 134 12.53 38.19 4.32
N LYS A 135 13.53 38.88 3.77
CA LYS A 135 13.65 40.32 3.96
C LYS A 135 12.44 41.06 3.37
N ASP A 136 12.07 40.70 2.14
CA ASP A 136 10.91 41.31 1.50
C ASP A 136 9.60 41.02 2.23
N ALA A 137 9.45 39.80 2.75
CA ALA A 137 8.26 39.44 3.54
C ALA A 137 8.16 40.26 4.82
N HIS A 138 9.29 40.39 5.52
CA HIS A 138 9.37 41.17 6.75
C HIS A 138 9.04 42.66 6.52
N LYS A 139 9.57 43.28 5.46
CA LYS A 139 9.31 44.71 5.24
C LYS A 139 7.87 44.99 4.78
N GLN A 140 7.24 44.06 4.07
CA GLN A 140 5.83 44.22 3.68
C GLN A 140 4.86 43.95 4.84
N GLY A 141 5.33 43.30 5.90
CA GLY A 141 4.50 42.97 7.04
C GLY A 141 3.83 41.63 6.79
N ILE A 142 3.65 40.88 7.86
CA ILE A 142 3.18 39.51 7.71
C ILE A 142 1.67 39.48 7.43
N LYS A 143 1.28 38.77 6.38
CA LYS A 143 -0.11 38.74 5.94
C LYS A 143 -0.89 37.57 6.52
N GLN A 144 -0.21 36.52 7.01
CA GLN A 144 -0.86 35.32 7.56
C GLN A 144 -0.16 34.90 8.84
N PRO A 145 -0.80 35.09 10.00
CA PRO A 145 -0.14 34.71 11.27
C PRO A 145 0.00 33.20 11.48
N THR A 146 -0.94 32.41 10.95
CA THR A 146 -0.91 30.96 11.19
C THR A 146 0.12 30.28 10.28
N THR A 147 0.92 29.42 10.88
CA THR A 147 1.89 28.62 10.14
C THR A 147 1.99 27.25 10.77
N LEU A 148 2.47 26.30 9.99
CA LEU A 148 2.62 24.92 10.43
C LEU A 148 4.07 24.49 10.28
N LEU A 149 4.74 24.32 11.40
CA LEU A 149 6.10 23.77 11.40
C LEU A 149 6.01 22.24 11.32
N ILE A 150 6.79 21.66 10.42
CA ILE A 150 6.90 20.21 10.27
C ILE A 150 8.37 19.84 10.42
N MET A 151 8.72 19.11 11.46
CA MET A 151 10.14 18.86 11.79
C MET A 151 10.47 17.36 11.86
N ARG A 152 11.66 16.99 11.38
CA ARG A 152 12.30 15.73 11.74
C ARG A 152 13.66 16.01 12.40
N ALA A 153 13.88 15.45 13.58
CA ALA A 153 15.17 15.54 14.27
C ALA A 153 15.85 14.19 14.11
N ASP A 154 17.11 14.19 13.64
CA ASP A 154 17.86 12.95 13.43
C ASP A 154 18.90 12.78 14.55
N TYR A 155 19.01 11.56 15.07
CA TYR A 155 19.98 11.24 16.11
C TYR A 155 20.79 10.00 15.75
N MET A 156 22.06 9.95 16.14
CA MET A 156 22.78 8.66 16.16
C MET A 156 23.21 8.33 17.56
N LEU A 157 23.46 7.05 17.81
CA LEU A 157 24.02 6.61 19.07
C LEU A 157 25.51 6.85 19.02
N ASN A 158 26.10 7.29 20.12
CA ASN A 158 27.54 7.48 20.19
C ASN A 158 28.12 6.61 21.28
N THR A 159 29.16 5.85 20.97
CA THR A 159 29.70 4.81 21.87
C THR A 159 30.58 5.39 22.98
N LEU A 160 30.36 4.90 24.21
CA LEU A 160 31.24 5.15 25.37
C LEU A 160 31.82 3.80 25.81
N ASP A 167 29.14 -2.16 26.95
CA ASP A 167 28.92 -1.26 25.82
C ASP A 167 27.68 -0.37 26.05
N GLU A 168 27.93 0.89 26.45
CA GLU A 168 26.87 1.91 26.64
C GLU A 168 26.95 3.03 25.58
N TYR A 169 25.79 3.66 25.30
CA TYR A 169 25.65 4.68 24.26
C TYR A 169 24.92 5.91 24.77
N GLU A 170 25.34 7.09 24.31
CA GLU A 170 24.59 8.34 24.52
C GLU A 170 23.88 8.68 23.20
N LEU A 171 22.72 9.31 23.31
CA LEU A 171 21.99 9.77 22.13
C LEU A 171 22.52 11.17 21.82
N LYS A 172 22.92 11.39 20.56
CA LYS A 172 23.34 12.70 20.07
C LYS A 172 22.63 13.12 18.78
N GLN A 173 22.33 14.41 18.66
CA GLN A 173 21.65 14.96 17.49
C GLN A 173 22.65 15.22 16.35
N VAL A 174 22.33 14.71 15.15
CA VAL A 174 23.13 15.01 13.94
C VAL A 174 22.57 16.13 13.11
N GLU A 175 21.26 16.17 12.95
CA GLU A 175 20.62 17.13 12.08
C GLU A 175 19.21 17.43 12.56
N VAL A 176 18.72 18.58 12.16
CA VAL A 176 17.33 18.93 12.24
C VAL A 176 16.88 19.28 10.83
N ASN A 177 15.68 18.83 10.45
CA ASN A 177 15.12 19.05 9.11
C ASN A 177 13.76 19.69 9.28
N THR A 178 13.61 20.88 8.72
CA THR A 178 12.32 21.54 8.56
C THR A 178 12.42 21.85 7.05
N GLY A 179 11.30 22.14 6.41
CA GLY A 179 11.35 22.54 5.00
C GLY A 179 10.68 21.59 4.03
N ALA A 180 10.83 20.28 4.23
CA ALA A 180 10.19 19.29 3.37
C ALA A 180 10.22 17.92 4.05
N ILE A 181 9.19 17.63 4.82
CA ILE A 181 9.12 16.40 5.57
C ILE A 181 7.90 15.64 5.03
N GLY A 182 8.15 14.38 4.68
CA GLY A 182 7.12 13.48 4.15
C GLY A 182 7.54 12.01 4.34
N GLY A 183 6.72 11.11 3.82
CA GLY A 183 6.95 9.68 3.98
C GLY A 183 6.67 9.12 5.36
N LEU A 184 5.83 9.81 6.13
CA LEU A 184 5.45 9.32 7.46
C LEU A 184 4.53 8.09 7.36
N GLY A 185 3.71 8.04 6.30
CA GLY A 185 2.98 6.83 5.91
C GLY A 185 3.87 5.64 5.59
N ILE A 186 4.99 5.91 4.93
CA ILE A 186 6.02 4.88 4.66
C ILE A 186 6.57 4.35 5.99
N ASP A 187 6.85 5.27 6.91
CA ASP A 187 7.38 4.93 8.23
C ASP A 187 6.42 4.09 9.06
N ARG A 188 5.14 4.48 9.13
CA ARG A 188 4.16 3.70 9.86
C ARG A 188 4.06 2.29 9.28
N ARG A 189 3.97 2.20 7.95
CA ARG A 189 3.80 0.92 7.29
C ARG A 189 5.01 0.01 7.51
N THR A 190 6.19 0.63 7.55
CA THR A 190 7.42 -0.06 7.91
C THR A 190 7.35 -0.67 9.32
N THR A 191 6.82 0.08 10.29
CA THR A 191 6.58 -0.45 11.64
C THR A 191 5.61 -1.63 11.63
N GLU A 192 4.50 -1.48 10.90
CA GLU A 192 3.51 -2.54 10.75
C GLU A 192 4.08 -3.80 10.08
N LEU A 193 4.85 -3.61 9.02
CA LEU A 193 5.57 -4.72 8.42
C LEU A 193 6.44 -5.44 9.45
N HIS A 194 7.19 -4.66 10.24
CA HIS A 194 8.12 -5.24 11.21
C HIS A 194 7.44 -5.97 12.35
N ARG A 195 6.25 -5.54 12.74
CA ARG A 195 5.45 -6.33 13.67
C ARG A 195 5.00 -7.65 13.10
N GLN A 196 4.69 -7.69 11.80
CA GLN A 196 4.39 -8.95 11.14
C GLN A 196 5.63 -9.87 11.13
N MET A 197 6.79 -9.31 10.81
CA MET A 197 8.02 -10.11 10.70
C MET A 197 8.45 -10.67 12.04
N LEU A 198 8.29 -9.86 13.09
CA LEU A 198 8.53 -10.31 14.45
C LEU A 198 7.67 -11.51 14.85
N ARG A 199 6.38 -11.47 14.53
CA ARG A 199 5.47 -12.60 14.74
C ARG A 199 5.97 -13.84 14.00
N LYS A 200 6.41 -13.69 12.76
CA LYS A 200 6.86 -14.83 11.95
C LYS A 200 8.08 -15.55 12.49
N VAL A 201 8.95 -14.84 13.21
CA VAL A 201 10.14 -15.44 13.82
C VAL A 201 9.99 -15.63 15.33
N GLY A 202 8.75 -15.59 15.82
CA GLY A 202 8.41 -15.93 17.20
C GLY A 202 8.91 -14.96 18.25
N MET A 203 8.84 -13.66 17.96
CA MET A 203 9.34 -12.62 18.86
C MET A 203 8.20 -11.73 19.36
N ASP A 204 8.35 -11.24 20.59
CA ASP A 204 7.39 -10.33 21.23
C ASP A 204 7.37 -9.00 20.49
N THR A 205 6.19 -8.54 20.11
CA THR A 205 6.04 -7.27 19.38
C THR A 205 5.88 -6.02 20.26
N SER A 206 5.73 -6.17 21.58
CA SER A 206 5.57 -5.01 22.47
C SER A 206 6.80 -4.11 22.58
N ASN A 207 7.98 -4.58 22.18
CA ASN A 207 9.16 -3.72 22.05
C ASN A 207 9.27 -2.93 20.72
N SER A 208 8.28 -3.10 19.83
CA SER A 208 8.14 -2.24 18.63
C SER A 208 7.17 -1.09 18.94
N PRO A 209 7.68 0.12 19.16
CA PRO A 209 6.74 1.19 19.56
C PRO A 209 5.77 1.68 18.46
N ALA A 210 4.59 2.14 18.88
CA ALA A 210 3.56 2.68 17.99
C ALA A 210 4.11 3.82 17.16
N ASN A 211 3.63 3.96 15.93
CA ASN A 211 4.23 4.87 14.97
C ASN A 211 3.15 5.47 14.10
N ASN A 212 2.49 6.51 14.59
CA ASN A 212 1.32 7.08 13.94
C ASN A 212 1.52 8.54 13.53
N GLY A 213 2.69 8.84 13.00
CA GLY A 213 3.00 10.18 12.53
C GLY A 213 2.18 10.63 11.35
N ASP A 214 1.88 9.72 10.45
CA ASP A 214 1.08 10.03 9.26
C ASP A 214 -0.31 10.57 9.60
N SER A 215 -0.91 10.04 10.67
CA SER A 215 -2.14 10.61 11.20
C SER A 215 -2.00 12.03 11.72
N ASN A 216 -0.90 12.33 12.39
CA ASN A 216 -0.67 13.66 12.89
C ASN A 216 -0.47 14.63 11.75
N MET A 217 0.33 14.22 10.77
CA MET A 217 0.54 14.98 9.53
C MET A 217 -0.79 15.43 8.92
N ILE A 218 -1.68 14.46 8.71
CA ILE A 218 -2.98 14.72 8.10
C ILE A 218 -3.88 15.60 8.98
N GLU A 219 -4.00 15.27 10.27
CA GLU A 219 -4.78 16.09 11.21
C GLU A 219 -4.27 17.52 11.31
N SER A 220 -2.95 17.67 11.31
CA SER A 220 -2.32 18.97 11.45
C SER A 220 -2.52 19.77 10.20
N LEU A 221 -2.37 19.12 9.05
CA LEU A 221 -2.61 19.77 7.75
C LEU A 221 -4.06 20.21 7.58
N PHE A 222 -4.99 19.36 8.00
CA PHE A 222 -6.42 19.69 7.99
C PHE A 222 -6.76 20.84 8.92
N MET A 223 -6.16 20.82 10.11
CA MET A 223 -6.28 21.90 11.10
C MET A 223 -5.83 23.25 10.49
N ALA A 224 -4.71 23.22 9.77
CA ALA A 224 -4.18 24.39 9.08
C ALA A 224 -5.12 24.88 7.98
N TRP A 225 -5.68 23.95 7.22
CA TRP A 225 -6.66 24.30 6.19
C TRP A 225 -7.89 24.99 6.75
N GLU A 226 -8.44 24.49 7.85
CA GLU A 226 -9.58 25.16 8.54
C GLU A 226 -9.24 26.54 9.07
N ALA A 227 -8.03 26.69 9.58
CA ALA A 227 -7.55 27.97 10.12
C ALA A 227 -7.51 29.09 9.10
N PHE A 228 -7.43 28.75 7.81
CA PHE A 228 -7.48 29.77 6.75
C PHE A 228 -8.83 30.45 6.75
N GLY A 229 -9.89 29.68 7.00
CA GLY A 229 -11.25 30.21 7.13
C GLY A 229 -11.99 30.47 5.83
N ASN A 230 -11.76 29.64 4.82
CA ASN A 230 -12.48 29.70 3.55
C ASN A 230 -12.49 28.31 2.94
N LYS A 231 -13.60 27.61 3.09
CA LYS A 231 -13.80 26.25 2.54
C LYS A 231 -13.60 26.09 1.01
N ASN A 232 -13.69 27.18 0.24
CA ASN A 232 -13.38 27.14 -1.22
C ASN A 232 -11.89 27.34 -1.55
N ALA A 233 -11.08 27.63 -0.54
CA ALA A 233 -9.64 27.82 -0.73
C ALA A 233 -8.96 26.49 -1.00
N LEU A 234 -8.06 26.48 -1.99
CA LEU A 234 -7.32 25.28 -2.40
C LEU A 234 -6.34 24.84 -1.32
N PHE A 235 -6.05 23.54 -1.28
CA PHE A 235 -4.93 22.99 -0.51
C PHE A 235 -3.92 22.57 -1.57
N VAL A 236 -2.71 23.11 -1.51
CA VAL A 236 -1.70 22.83 -2.55
C VAL A 236 -0.52 22.00 -2.00
N PHE A 237 -0.23 20.90 -2.69
CA PHE A 237 0.99 20.14 -2.49
C PHE A 237 2.02 20.76 -3.40
N LEU A 238 2.94 21.54 -2.82
CA LEU A 238 4.05 22.10 -3.58
C LEU A 238 5.03 20.96 -3.67
N SER A 239 5.12 20.36 -4.86
CA SER A 239 5.85 19.10 -5.03
C SER A 239 6.36 18.92 -6.43
N HIS A 240 7.37 18.08 -6.57
CA HIS A 240 7.92 17.74 -7.87
C HIS A 240 6.89 16.89 -8.66
N GLU A 241 6.91 17.00 -9.98
CA GLU A 241 6.15 16.13 -10.89
C GLU A 241 6.75 14.72 -10.91
N ARG A 242 8.07 14.64 -11.01
CA ARG A 242 8.80 13.38 -10.91
C ARG A 242 9.20 13.08 -9.46
N LEU A 243 8.48 12.17 -8.79
CA LEU A 243 8.83 11.78 -7.42
C LEU A 243 8.39 10.37 -7.03
N GLN A 244 9.27 9.69 -6.30
CA GLN A 244 9.00 8.37 -5.75
C GLN A 244 7.86 8.34 -4.72
N TYR A 245 7.71 9.44 -3.99
CA TYR A 245 6.76 9.58 -2.85
C TYR A 245 5.33 9.94 -3.27
N LYS A 246 4.99 9.92 -4.56
CA LYS A 246 3.65 10.33 -5.01
C LYS A 246 2.51 9.55 -4.34
N PHE A 247 2.70 8.24 -4.14
CA PHE A 247 1.68 7.41 -3.48
C PHE A 247 1.43 7.89 -2.07
N GLU A 248 2.48 8.35 -1.39
CA GLU A 248 2.35 8.88 -0.02
C GLU A 248 1.47 10.14 0.00
N LEU A 249 1.76 11.09 -0.90
CA LEU A 249 0.97 12.31 -1.04
C LEU A 249 -0.50 12.03 -1.36
N ARG A 250 -0.75 11.03 -2.22
CA ARG A 250 -2.11 10.61 -2.52
C ARG A 250 -2.85 10.10 -1.31
N ASN A 251 -2.16 9.38 -0.44
CA ASN A 251 -2.78 8.99 0.83
C ASN A 251 -3.21 10.17 1.67
N ILE A 252 -2.38 11.20 1.76
CA ILE A 252 -2.72 12.44 2.46
C ILE A 252 -3.94 13.07 1.78
N GLN A 253 -3.92 13.16 0.45
CA GLN A 253 -5.05 13.72 -0.29
C GLN A 253 -6.39 13.09 0.08
N CYS A 254 -6.45 11.75 -0.01
CA CYS A 254 -7.67 11.00 0.25
C CYS A 254 -8.18 11.18 1.66
N GLN A 255 -7.27 11.22 2.60
CA GLN A 255 -7.67 11.34 4.00
C GLN A 255 -8.08 12.79 4.32
N LEU A 256 -7.44 13.78 3.69
CA LEU A 256 -7.84 15.19 3.82
C LEU A 256 -9.23 15.43 3.24
N GLU A 257 -9.50 14.80 2.10
CA GLU A 257 -10.81 14.89 1.45
C GLU A 257 -11.89 14.20 2.28
N GLU A 258 -11.56 13.05 2.85
CA GLU A 258 -12.47 12.39 3.79
C GLU A 258 -12.74 13.33 4.95
N LEU A 259 -11.70 13.81 5.64
CA LEU A 259 -11.89 14.71 6.80
C LEU A 259 -12.70 15.96 6.52
N SER A 260 -12.66 16.49 5.29
CA SER A 260 -13.41 17.70 4.94
C SER A 260 -14.83 17.42 4.41
N ASN A 261 -15.23 16.16 4.42
CA ASN A 261 -16.48 15.69 3.81
C ASN A 261 -16.64 16.10 2.32
N GLY A 262 -15.58 15.90 1.55
CA GLY A 262 -15.55 16.19 0.11
C GLY A 262 -15.40 17.66 -0.28
N GLN A 263 -15.15 18.51 0.72
CA GLN A 263 -15.24 19.95 0.52
C GLN A 263 -13.91 20.58 0.10
N MET A 264 -12.80 19.96 0.47
CA MET A 264 -11.48 20.50 0.20
C MET A 264 -11.03 20.14 -1.20
N LYS A 265 -10.69 21.15 -2.00
CA LYS A 265 -10.11 20.93 -3.32
C LYS A 265 -8.59 20.94 -3.21
N VAL A 266 -7.95 19.89 -3.74
CA VAL A 266 -6.53 19.67 -3.64
C VAL A 266 -5.90 19.86 -5.01
N GLU A 267 -4.66 20.36 -5.04
CA GLU A 267 -3.91 20.52 -6.29
C GLU A 267 -2.45 20.28 -6.02
N TYR A 268 -1.74 20.00 -7.10
CA TYR A 268 -0.30 19.74 -7.09
C TYR A 268 0.37 20.73 -8.02
N VAL A 269 1.46 21.34 -7.59
CA VAL A 269 2.22 22.23 -8.46
C VAL A 269 3.66 22.30 -7.99
N SER A 270 4.58 22.37 -8.94
CA SER A 270 5.99 22.54 -8.69
C SER A 270 6.32 24.02 -8.72
N LEU A 271 7.54 24.36 -8.32
CA LEU A 271 8.05 25.74 -8.45
C LEU A 271 8.28 26.12 -9.90
N LYS A 272 8.70 25.15 -10.74
CA LYS A 272 8.88 25.39 -12.20
C LYS A 272 7.57 25.83 -12.83
N ALA A 273 6.51 25.08 -12.54
CA ALA A 273 5.15 25.39 -13.01
C ALA A 273 4.53 26.58 -12.27
N GLY A 274 4.91 26.76 -11.01
CA GLY A 274 4.47 27.88 -10.22
C GLY A 274 4.86 29.24 -10.76
N TYR A 275 5.96 29.34 -11.50
CA TYR A 275 6.36 30.60 -12.09
C TYR A 275 5.23 31.24 -12.91
N GLU A 276 4.60 30.43 -13.77
CA GLU A 276 3.49 30.90 -14.60
C GLU A 276 2.15 30.80 -13.89
N GLN A 277 1.97 29.76 -13.07
CA GLN A 277 0.65 29.44 -12.51
C GLN A 277 0.31 30.04 -11.14
N LEU A 278 1.32 30.48 -10.39
CA LEU A 278 1.11 31.16 -9.11
C LEU A 278 1.26 32.67 -9.27
N LYS A 279 0.27 33.42 -8.80
CA LYS A 279 0.33 34.88 -8.77
C LYS A 279 -0.02 35.39 -7.38
N LEU A 280 0.46 36.60 -7.07
CA LEU A 280 0.07 37.31 -5.87
C LEU A 280 -1.07 38.26 -6.23
N GLY A 281 -2.25 38.05 -5.64
CA GLY A 281 -3.42 38.91 -5.91
C GLY A 281 -3.25 40.24 -5.25
N GLU A 282 -4.02 41.24 -5.64
CA GLU A 282 -3.85 42.60 -5.07
C GLU A 282 -4.30 42.71 -3.58
N ASP A 283 -5.03 41.71 -3.08
CA ASP A 283 -5.29 41.56 -1.63
C ASP A 283 -4.30 40.61 -0.89
N TYR A 284 -3.18 40.27 -1.52
CA TYR A 284 -2.19 39.31 -1.02
C TYR A 284 -2.62 37.83 -0.95
N SER A 285 -3.71 37.48 -1.61
CA SER A 285 -4.07 36.08 -1.83
C SER A 285 -3.05 35.41 -2.73
N LEU A 286 -2.74 34.15 -2.44
CA LEU A 286 -2.02 33.31 -3.38
C LEU A 286 -3.02 32.75 -4.37
N LEU A 287 -2.76 32.94 -5.67
CA LEU A 287 -3.66 32.46 -6.74
C LEU A 287 -2.99 31.38 -7.59
N LEU A 288 -3.55 30.17 -7.58
CA LEU A 288 -3.13 29.09 -8.48
C LEU A 288 -4.08 29.09 -9.67
N ASN A 289 -3.60 29.51 -10.83
CA ASN A 289 -4.44 29.73 -12.02
C ASN A 289 -5.70 30.55 -11.67
N GLY A 290 -5.52 31.60 -10.90
CA GLY A 290 -6.61 32.48 -10.48
C GLY A 290 -7.53 32.03 -9.36
N GLU A 291 -7.23 30.92 -8.69
CA GLU A 291 -8.06 30.45 -7.55
C GLU A 291 -7.30 30.58 -6.23
N ILE A 292 -8.01 31.02 -5.18
CA ILE A 292 -7.44 31.27 -3.88
C ILE A 292 -6.91 29.96 -3.29
N VAL A 293 -5.68 30.03 -2.76
CA VAL A 293 -4.98 28.90 -2.12
C VAL A 293 -4.92 29.20 -0.62
N GLY A 294 -5.37 28.24 0.19
CA GLY A 294 -5.37 28.39 1.64
C GLY A 294 -4.18 27.78 2.34
N VAL A 295 -3.62 26.69 1.79
CA VAL A 295 -2.44 26.04 2.38
C VAL A 295 -1.46 25.62 1.30
N VAL A 296 -0.18 25.91 1.49
CA VAL A 296 0.90 25.39 0.64
C VAL A 296 1.75 24.45 1.48
N TYR A 297 1.63 23.17 1.22
CA TYR A 297 2.39 22.16 1.94
C TYR A 297 3.56 21.81 1.06
N SER A 298 4.76 22.17 1.51
CA SER A 298 5.98 22.00 0.72
C SER A 298 6.62 20.65 1.00
N THR A 299 6.86 19.89 -0.07
CA THR A 299 7.78 18.76 -0.08
C THR A 299 9.00 19.07 -0.99
N ILE A 300 9.16 20.33 -1.39
CA ILE A 300 10.35 20.81 -2.09
C ILE A 300 11.14 21.63 -1.08
N SER A 301 12.23 21.06 -0.57
CA SER A 301 13.07 21.65 0.46
C SER A 301 13.64 23.02 0.06
N ALA A 302 13.53 24.02 0.92
CA ALA A 302 14.05 25.33 0.60
C ALA A 302 15.60 25.33 0.61
N LEU A 303 16.19 24.69 1.62
CA LEU A 303 17.65 24.50 1.67
C LEU A 303 18.22 23.44 0.71
N GLY A 304 17.51 22.31 0.58
CA GLY A 304 18.00 21.15 -0.18
C GLY A 304 17.88 21.28 -1.69
N HIS A 305 16.75 21.78 -2.16
CA HIS A 305 16.50 21.90 -3.59
C HIS A 305 17.17 23.16 -4.13
N GLN A 306 18.13 22.98 -5.03
CA GLN A 306 18.80 24.07 -5.72
C GLN A 306 17.90 24.64 -6.80
N ALA A 307 17.23 25.75 -6.48
CA ALA A 307 16.18 26.30 -7.29
C ALA A 307 16.71 27.34 -8.26
N ASN A 308 16.19 27.34 -9.49
CA ASN A 308 16.58 28.35 -10.48
C ASN A 308 15.80 29.67 -10.28
N ALA A 309 16.04 30.65 -11.13
CA ALA A 309 15.45 32.00 -10.97
C ALA A 309 13.92 32.02 -11.09
N ARG A 310 13.38 31.19 -11.97
CA ARG A 310 11.92 31.07 -12.13
C ARG A 310 11.32 30.44 -10.88
N GLU A 311 12.01 29.42 -10.35
CA GLU A 311 11.57 28.72 -9.15
C GLU A 311 11.62 29.61 -7.90
N MET A 312 12.64 30.48 -7.80
CA MET A 312 12.72 31.43 -6.67
C MET A 312 11.62 32.50 -6.72
N GLU A 313 11.20 32.90 -7.92
CA GLU A 313 10.11 33.87 -8.05
C GLU A 313 8.77 33.26 -7.61
N ALA A 314 8.61 31.95 -7.78
CA ALA A 314 7.44 31.26 -7.30
C ALA A 314 7.47 31.13 -5.78
N ARG A 315 8.65 30.79 -5.24
CA ARG A 315 8.87 30.77 -3.80
C ARG A 315 8.57 32.12 -3.16
N ARG A 316 9.01 33.20 -3.79
CA ARG A 316 8.72 34.58 -3.33
C ARG A 316 7.21 34.88 -3.29
N THR A 317 6.53 34.65 -4.42
CA THR A 317 5.09 34.81 -4.54
C THR A 317 4.34 34.12 -3.40
N ILE A 318 4.69 32.85 -3.16
CA ILE A 318 4.08 32.04 -2.09
C ILE A 318 4.31 32.76 -0.76
N GLU A 319 5.55 33.16 -0.53
CA GLU A 319 5.94 33.71 0.76
C GLU A 319 5.30 35.04 1.10
N LEU A 320 5.13 35.90 0.10
CA LEU A 320 4.49 37.20 0.33
C LEU A 320 2.96 37.12 0.41
N SER A 321 2.37 35.94 0.18
CA SER A 321 0.91 35.79 0.18
C SER A 321 0.36 35.52 1.58
N ASN A 322 -0.97 35.53 1.69
CA ASN A 322 -1.66 35.23 2.96
C ASN A 322 -2.03 33.76 3.13
N ALA A 323 -1.56 32.89 2.24
CA ALA A 323 -1.70 31.45 2.43
C ALA A 323 -0.95 30.97 3.67
N ILE A 324 -1.56 30.02 4.37
CA ILE A 324 -0.89 29.35 5.47
C ILE A 324 0.14 28.45 4.81
N LYS A 325 1.39 28.58 5.24
CA LYS A 325 2.49 27.85 4.66
C LYS A 325 2.86 26.76 5.65
N ALA A 326 3.09 25.57 5.13
CA ALA A 326 3.50 24.42 5.90
C ALA A 326 4.74 23.81 5.22
N PRO A 327 5.94 24.30 5.54
CA PRO A 327 6.22 25.42 6.44
C PRO A 327 6.42 26.73 5.71
N SER A 328 6.50 27.83 6.47
CA SER A 328 6.95 29.11 5.91
C SER A 328 8.43 29.02 5.62
N LEU A 329 8.88 29.90 4.75
CA LEU A 329 10.29 29.93 4.35
C LEU A 329 11.21 30.17 5.54
N ALA A 330 10.87 31.08 6.45
CA ALA A 330 11.70 31.35 7.63
C ALA A 330 11.88 30.10 8.49
N ILE A 331 10.80 29.34 8.64
CA ILE A 331 10.86 28.05 9.35
C ILE A 331 11.71 27.04 8.58
N ALA A 332 11.61 27.02 7.26
CA ALA A 332 12.38 26.09 6.44
C ALA A 332 13.88 26.34 6.54
N ILE A 333 14.27 27.60 6.47
CA ILE A 333 15.69 27.92 6.50
C ILE A 333 16.28 28.02 7.93
N SER A 334 15.46 27.86 8.97
CA SER A 334 15.95 27.81 10.36
C SER A 334 16.76 26.56 10.70
N SER A 335 16.69 25.53 9.85
CA SER A 335 17.31 24.23 10.10
C SER A 335 18.60 24.00 9.30
N SER A 336 19.38 25.07 9.09
CA SER A 336 20.68 24.98 8.43
C SER A 336 21.72 24.51 9.42
N LYS A 337 22.82 23.95 8.92
CA LYS A 337 23.93 23.55 9.79
C LYS A 337 24.52 24.72 10.57
N LYS A 338 24.56 25.91 9.97
CA LYS A 338 25.05 27.10 10.68
C LYS A 338 24.21 27.42 11.91
N ILE A 339 22.88 27.34 11.78
CA ILE A 339 22.00 27.58 12.93
C ILE A 339 22.15 26.46 13.96
N GLN A 340 22.31 25.23 13.51
CA GLN A 340 22.58 24.11 14.43
C GLN A 340 23.82 24.38 15.30
N GLN A 341 24.88 24.85 14.66
CA GLN A 341 26.11 25.19 15.33
C GLN A 341 25.94 26.37 16.32
N LEU A 342 25.41 27.51 15.84
CA LEU A 342 25.12 28.68 16.71
C LEU A 342 24.31 28.35 17.96
N LEU A 343 23.41 27.37 17.84
CA LEU A 343 22.56 26.98 18.96
C LEU A 343 23.33 26.27 20.06
N THR A 344 24.53 25.76 19.77
CA THR A 344 25.36 25.14 20.81
C THR A 344 26.20 26.13 21.59
N THR A 345 26.28 27.39 21.18
CA THR A 345 27.11 28.38 21.87
C THR A 345 26.41 28.85 23.15
N PRO A 346 27.16 28.98 24.28
CA PRO A 346 26.53 29.33 25.57
C PRO A 346 25.66 30.59 25.54
N GLY A 347 24.51 30.53 26.21
CA GLY A 347 23.57 31.64 26.23
C GLY A 347 22.66 31.74 25.03
N THR A 348 22.95 31.01 23.94
CA THR A 348 22.14 31.11 22.73
C THR A 348 20.79 30.41 22.91
N LEU A 349 20.77 29.19 23.49
CA LEU A 349 19.50 28.52 23.83
C LEU A 349 18.65 29.36 24.77
N GLU A 350 19.31 30.00 25.74
CA GLU A 350 18.64 30.85 26.74
C GLU A 350 18.00 32.14 26.15
N ARG A 351 18.46 32.59 24.98
CA ARG A 351 17.79 33.68 24.25
C ARG A 351 16.33 33.32 23.92
N PHE A 352 16.09 32.06 23.57
CA PHE A 352 14.76 31.57 23.18
C PHE A 352 13.95 30.99 24.36
N PHE A 353 14.65 30.52 25.38
CA PHE A 353 14.04 30.14 26.66
C PHE A 353 14.68 30.97 27.78
N PRO A 354 14.26 32.25 27.93
CA PRO A 354 14.90 33.15 28.91
C PRO A 354 14.57 32.87 30.39
N SER A 355 13.37 32.34 30.65
CA SER A 355 12.88 32.17 32.01
C SER A 355 13.51 30.96 32.71
N ALA A 356 13.78 31.07 34.01
CA ALA A 356 14.18 29.92 34.85
C ALA A 356 13.17 28.75 34.80
N THR A 357 11.90 29.03 34.50
CA THR A 357 10.88 28.00 34.35
C THR A 357 11.14 27.05 33.18
N GLU A 358 11.86 27.54 32.17
CA GLU A 358 12.24 26.75 30.99
C GLU A 358 13.68 26.22 30.97
N ALA A 359 14.39 26.30 32.09
CA ALA A 359 15.74 25.73 32.19
C ALA A 359 15.78 24.21 31.96
N ASP A 360 14.70 23.52 32.31
CA ASP A 360 14.55 22.06 32.09
C ASP A 360 14.51 21.67 30.61
N LYS A 361 13.86 22.49 29.79
CA LYS A 361 13.84 22.34 28.34
C LYS A 361 15.23 22.59 27.74
N VAL A 362 15.86 23.68 28.16
CA VAL A 362 17.21 24.05 27.74
C VAL A 362 18.20 22.93 28.05
N ALA A 363 18.15 22.41 29.28
CA ALA A 363 19.03 21.30 29.70
C ALA A 363 18.76 20.03 28.90
N ALA A 364 17.50 19.75 28.60
CA ALA A 364 17.13 18.49 27.94
C ALA A 364 17.58 18.49 26.48
N ILE A 365 17.41 19.63 25.83
CA ILE A 365 17.93 19.87 24.49
C ILE A 365 19.48 19.84 24.47
N ARG A 366 20.11 20.54 25.41
CA ARG A 366 21.58 20.68 25.45
C ARG A 366 22.31 19.33 25.59
N GLU A 367 21.74 18.39 26.34
CA GLU A 367 22.41 17.11 26.52
C GLU A 367 22.38 16.23 25.29
N THR A 368 21.51 16.51 24.33
CA THR A 368 21.55 15.84 23.02
C THR A 368 22.56 16.46 22.03
N PHE A 369 23.16 17.61 22.36
CA PHE A 369 24.18 18.22 21.51
C PHE A 369 25.54 17.58 21.75
N THR A 370 26.26 17.35 20.66
CA THR A 370 27.71 17.12 20.70
C THR A 370 28.40 18.40 20.23
N GLY A 371 29.71 18.38 20.13
CA GLY A 371 30.46 19.59 19.76
C GLY A 371 30.20 20.06 18.33
N LEU A 372 29.89 21.35 18.17
CA LEU A 372 29.90 22.02 16.87
C LEU A 372 30.61 23.37 16.96
N TRP A 373 31.37 23.71 15.91
CA TRP A 373 32.17 24.92 15.86
C TRP A 373 32.10 25.60 14.49
N GLY A 374 32.09 26.93 14.52
CA GLY A 374 32.17 27.75 13.31
C GLY A 374 33.61 28.06 12.88
N LEU A 375 33.76 28.33 11.60
CA LEU A 375 35.05 28.62 11.00
C LEU A 375 35.22 30.10 10.59
N GLU A 376 34.23 30.96 10.88
CA GLU A 376 34.20 32.30 10.26
C GLU A 376 35.26 33.21 10.85
N LYS A 377 35.35 33.27 12.18
CA LYS A 377 36.15 34.31 12.83
C LYS A 377 37.59 33.90 13.14
N SER A 378 38.44 34.91 13.36
CA SER A 378 39.85 34.73 13.67
C SER A 378 40.11 35.01 15.16
N ASP A 379 39.53 34.16 16.02
CA ASP A 379 39.92 34.06 17.43
C ASP A 379 41.07 33.07 17.47
N ASP A 380 41.69 32.96 18.62
CA ASP A 380 42.61 31.85 18.92
C ASP A 380 41.88 30.53 19.21
N GLN A 381 40.65 30.62 19.74
CA GLN A 381 39.80 29.43 19.97
C GLN A 381 39.57 28.66 18.64
N THR A 382 39.17 29.37 17.58
CA THR A 382 38.86 28.78 16.26
C THR A 382 40.08 28.20 15.52
N GLU A 383 41.18 28.95 15.51
CA GLU A 383 42.43 28.49 14.88
C GLU A 383 43.04 27.25 15.55
N ARG A 384 42.87 27.11 16.86
CA ARG A 384 43.27 25.90 17.58
C ARG A 384 42.36 24.71 17.26
N ARG A 385 41.08 24.99 17.06
CA ARG A 385 40.11 23.96 16.68
C ARG A 385 40.44 23.41 15.30
N ILE A 386 40.73 24.33 14.37
CA ILE A 386 41.14 23.99 13.01
C ILE A 386 42.44 23.20 12.99
N LYS A 387 43.39 23.58 13.83
CA LYS A 387 44.64 22.84 13.98
C LYS A 387 44.41 21.45 14.53
N ASP A 388 43.56 21.35 15.55
CA ASP A 388 43.24 20.06 16.15
C ASP A 388 42.62 19.10 15.13
N ALA A 389 41.72 19.59 14.28
CA ALA A 389 41.08 18.79 13.25
C ALA A 389 42.00 18.40 12.08
N ILE A 390 42.90 19.29 11.69
CA ILE A 390 43.93 18.98 10.69
C ILE A 390 44.85 17.86 11.21
N GLU A 391 45.33 18.01 12.44
CA GLU A 391 46.19 17.00 13.08
C GLU A 391 45.46 15.70 13.46
N ASN A 392 44.21 15.77 13.91
CA ASN A 392 43.44 14.61 14.40
C ASN A 392 42.09 14.54 13.70
N PRO A 393 42.08 14.23 12.39
CA PRO A 393 40.85 14.30 11.61
C PRO A 393 39.82 13.17 11.82
N ALA A 394 40.24 12.06 12.43
CA ALA A 394 39.31 10.94 12.69
C ALA A 394 38.25 11.34 13.73
N ASN A 395 38.55 12.32 14.57
CA ASN A 395 37.59 12.83 15.56
C ASN A 395 36.53 13.80 14.99
N TYR A 396 36.59 14.15 13.70
CA TYR A 396 35.71 15.17 13.15
C TYR A 396 35.01 14.80 11.85
N VAL A 397 33.95 15.54 11.58
CA VAL A 397 33.28 15.60 10.30
C VAL A 397 33.20 17.08 9.90
N LEU A 398 33.61 17.40 8.67
CA LEU A 398 33.50 18.76 8.15
C LEU A 398 32.28 18.83 7.25
N LYS A 399 31.35 19.73 7.54
CA LYS A 399 30.07 19.84 6.80
C LYS A 399 29.85 21.21 6.19
N SER A 400 29.29 21.26 4.98
CA SER A 400 28.76 22.51 4.39
C SER A 400 27.23 22.60 4.48
N ASN A 401 26.69 23.81 4.28
CA ASN A 401 25.23 24.05 4.25
C ASN A 401 24.62 23.46 2.96
N ASN A 408 30.09 16.92 3.05
CA ASN A 408 30.63 16.14 4.18
C ASN A 408 31.99 15.48 3.91
N PHE A 409 33.03 15.92 4.62
CA PHE A 409 34.43 15.43 4.43
C PHE A 409 34.86 14.69 5.69
N TYR A 410 35.66 13.64 5.52
CA TYR A 410 36.13 12.80 6.64
C TYR A 410 37.62 12.59 6.49
N ASP A 411 38.29 12.22 7.57
CA ASP A 411 39.72 11.82 7.56
C ASP A 411 40.61 12.76 6.73
N GLU A 412 41.49 12.25 5.88
CA GLU A 412 42.43 13.14 5.19
C GLU A 412 41.75 14.08 4.17
N ALA A 413 40.59 13.70 3.66
CA ALA A 413 39.76 14.62 2.87
C ALA A 413 39.42 15.87 3.69
N LEU A 414 39.05 15.68 4.95
CA LEU A 414 38.73 16.75 5.89
C LEU A 414 39.95 17.61 6.18
N ALA A 415 41.08 16.98 6.46
CA ALA A 415 42.30 17.73 6.78
C ALA A 415 42.75 18.60 5.61
N GLU A 416 42.64 18.06 4.39
CA GLU A 416 43.00 18.79 3.17
C GLU A 416 42.04 19.92 2.88
N LYS A 417 40.74 19.70 3.06
CA LYS A 417 39.79 20.77 2.84
C LYS A 417 40.14 21.95 3.77
N LEU A 418 40.33 21.68 5.06
CA LEU A 418 40.75 22.70 6.02
C LEU A 418 42.08 23.38 5.65
N ARG A 419 43.03 22.65 5.07
CA ARG A 419 44.31 23.26 4.67
C ARG A 419 44.17 24.25 3.51
N THR A 420 43.31 23.90 2.55
CA THR A 420 43.21 24.56 1.25
C THR A 420 41.95 25.42 1.12
N MET A 421 41.13 25.48 2.16
CA MET A 421 39.87 26.24 2.11
C MET A 421 40.09 27.73 1.86
N PRO A 422 39.41 28.33 0.86
CA PRO A 422 39.51 29.78 0.70
C PRO A 422 38.84 30.55 1.84
N GLN A 423 39.22 31.82 2.01
CA GLN A 423 38.65 32.67 3.06
C GLN A 423 37.11 32.71 3.01
N ALA A 424 36.56 32.74 1.79
CA ALA A 424 35.12 32.88 1.56
C ALA A 424 34.33 31.65 2.07
N GLU A 425 34.78 30.46 1.66
CA GLU A 425 34.13 29.19 2.06
C GLU A 425 34.10 28.91 3.56
N ARG A 426 34.95 29.55 4.36
CA ARG A 426 34.99 29.32 5.82
C ARG A 426 33.61 29.43 6.46
N ALA A 427 32.90 30.51 6.14
CA ALA A 427 31.54 30.76 6.68
C ALA A 427 30.48 29.76 6.23
N SER A 428 30.68 29.12 5.07
CA SER A 428 29.76 28.12 4.52
C SER A 428 30.12 26.66 4.91
N HIS A 429 30.79 26.49 6.05
CA HIS A 429 31.22 25.19 6.55
C HIS A 429 31.22 25.22 8.07
N ILE A 430 30.92 24.07 8.69
CA ILE A 430 31.07 23.90 10.15
C ILE A 430 31.81 22.60 10.48
N LEU A 431 32.51 22.59 11.62
CA LEU A 431 33.15 21.40 12.18
C LEU A 431 32.23 20.76 13.21
N MET A 432 32.09 19.44 13.16
CA MET A 432 31.26 18.69 14.09
C MET A 432 32.07 17.54 14.66
N GLN A 433 31.84 17.22 15.92
CA GLN A 433 32.48 16.07 16.57
C GLN A 433 31.95 14.79 15.93
N LYS A 434 32.84 13.84 15.68
CA LYS A 434 32.46 12.59 15.01
C LYS A 434 31.83 11.66 16.03
N LEU A 435 30.69 11.10 15.67
CA LEU A 435 29.99 10.15 16.52
C LEU A 435 30.30 8.73 16.05
N ILE A 436 30.49 7.81 17.01
CA ILE A 436 30.81 6.40 16.76
C ILE A 436 29.57 5.54 17.07
N PRO A 437 28.76 5.20 16.05
CA PRO A 437 27.46 4.55 16.32
C PRO A 437 27.52 3.09 16.71
N MET A 438 26.42 2.60 17.25
CA MET A 438 26.23 1.18 17.54
C MET A 438 26.08 0.41 16.24
N ALA A 439 26.81 -0.70 16.13
CA ALA A 439 26.76 -1.55 14.97
C ALA A 439 25.95 -2.81 15.29
N THR A 440 25.11 -3.23 14.35
CA THR A 440 24.32 -4.48 14.47
C THR A 440 24.28 -5.16 13.11
N LYS A 441 23.59 -6.29 13.05
CA LYS A 441 23.43 -7.02 11.77
C LYS A 441 21.96 -7.03 11.35
N ASN A 442 21.74 -6.97 10.05
CA ASN A 442 20.40 -7.00 9.49
C ASN A 442 20.47 -7.31 7.99
N TYR A 443 19.31 -7.67 7.43
CA TYR A 443 19.17 -7.95 6.01
C TYR A 443 18.45 -6.77 5.40
N PHE A 444 18.84 -6.38 4.20
CA PHE A 444 18.13 -5.35 3.44
C PHE A 444 17.22 -6.00 2.37
N LEU A 445 15.98 -5.50 2.28
CA LEU A 445 15.08 -5.84 1.17
C LEU A 445 15.06 -4.65 0.23
N ARG A 446 15.54 -4.85 -0.98
CA ARG A 446 15.53 -3.82 -2.01
C ARG A 446 15.05 -4.44 -3.32
N PRO A 447 14.25 -3.71 -4.11
CA PRO A 447 13.84 -4.22 -5.43
C PRO A 447 15.02 -4.82 -6.22
N PHE A 448 14.90 -6.09 -6.60
CA PHE A 448 15.87 -6.81 -7.46
C PHE A 448 17.27 -7.05 -6.88
N HIS A 449 17.39 -7.06 -5.55
CA HIS A 449 18.64 -7.46 -4.90
C HIS A 449 18.35 -8.60 -3.94
N GLU A 450 19.19 -9.64 -3.97
CA GLU A 450 19.14 -10.69 -2.96
C GLU A 450 19.48 -10.10 -1.58
N PRO A 451 18.67 -10.41 -0.57
CA PRO A 451 19.04 -9.98 0.77
C PRO A 451 20.25 -10.76 1.30
N LYS A 452 21.08 -10.10 2.09
CA LYS A 452 22.19 -10.75 2.77
C LYS A 452 22.53 -10.04 4.07
N LEU A 453 23.30 -10.73 4.91
CA LEU A 453 23.66 -10.23 6.23
C LEU A 453 24.76 -9.16 6.08
N ASN A 454 24.46 -7.94 6.51
CA ASN A 454 25.39 -6.80 6.52
C ASN A 454 25.59 -6.31 7.94
N VAL A 455 26.78 -5.79 8.24
CA VAL A 455 26.99 -4.96 9.43
C VAL A 455 26.43 -3.58 9.12
N VAL A 456 25.55 -3.08 9.99
CA VAL A 456 24.77 -1.86 9.74
C VAL A 456 24.76 -0.92 10.96
N VAL A 457 24.40 0.34 10.71
CA VAL A 457 24.30 1.37 11.75
C VAL A 457 23.01 2.16 11.54
N GLY A 458 22.37 2.56 12.64
CA GLY A 458 21.09 3.28 12.58
C GLY A 458 21.19 4.78 12.83
N GLU A 459 20.24 5.50 12.26
CA GLU A 459 20.04 6.91 12.53
C GLU A 459 18.55 7.07 12.86
N LEU A 460 18.25 7.53 14.08
CA LEU A 460 16.87 7.64 14.55
C LEU A 460 16.31 8.98 14.13
N GLY A 461 15.13 8.96 13.55
CA GLY A 461 14.44 10.18 13.13
C GLY A 461 13.20 10.28 13.96
N VAL A 462 12.95 11.48 14.49
CA VAL A 462 11.77 11.75 15.30
C VAL A 462 11.01 12.88 14.61
N ASN A 463 9.72 12.68 14.35
CA ASN A 463 8.89 13.66 13.61
C ASN A 463 7.88 14.33 14.54
N GLY A 464 7.41 15.48 14.12
CA GLY A 464 6.28 16.09 14.79
C GLY A 464 5.79 17.29 14.00
N THR A 465 4.75 17.93 14.53
CA THR A 465 4.25 19.18 13.98
C THR A 465 4.00 20.20 15.09
N LEU A 466 4.04 21.47 14.72
CA LEU A 466 3.65 22.56 15.59
C LEU A 466 2.86 23.55 14.74
N LEU A 467 1.62 23.80 15.15
CA LEU A 467 0.75 24.80 14.54
C LEU A 467 0.81 26.05 15.40
N GLY A 468 1.35 27.12 14.84
CA GLY A 468 1.69 28.32 15.63
C GLY A 468 1.20 29.61 15.02
N ASN A 469 1.42 30.68 15.79
CA ASN A 469 1.05 32.04 15.42
C ASN A 469 2.33 32.89 15.39
N LEU A 470 2.74 33.32 14.20
CA LEU A 470 3.95 34.17 14.01
C LEU A 470 3.91 35.54 14.64
N ARG A 471 2.70 36.11 14.83
CA ARG A 471 2.54 37.47 15.37
C ARG A 471 2.78 37.50 16.87
N ASP A 472 2.12 36.63 17.64
CA ASP A 472 2.29 36.61 19.12
C ASP A 472 3.07 35.41 19.64
N GLN A 473 3.56 34.56 18.75
CA GLN A 473 4.35 33.37 19.11
C GLN A 473 3.63 32.30 19.95
N SER A 474 2.30 32.31 19.93
CA SER A 474 1.53 31.28 20.63
C SER A 474 1.46 30.01 19.79
N VAL A 475 1.06 28.95 20.48
CA VAL A 475 1.11 27.60 19.93
C VAL A 475 -0.25 26.94 20.12
N ARG A 476 -0.83 26.45 19.03
CA ARG A 476 -2.12 25.76 19.09
C ARG A 476 -2.01 24.25 19.29
N HIS A 477 -0.91 23.65 18.85
CA HIS A 477 -0.77 22.21 18.79
C HIS A 477 0.72 21.91 18.59
N ASN A 478 1.38 21.29 19.56
CA ASN A 478 2.81 21.00 19.47
C ASN A 478 2.99 19.57 19.92
N VAL A 479 3.16 18.66 18.98
CA VAL A 479 3.24 17.23 19.31
C VAL A 479 4.38 16.52 18.60
N GLN A 480 4.95 15.54 19.30
CA GLN A 480 5.80 14.55 18.68
C GLN A 480 4.88 13.45 18.18
N SER A 481 5.12 12.99 16.97
CA SER A 481 4.36 11.89 16.41
C SER A 481 5.09 11.34 15.22
N GLY A 482 5.47 10.08 15.35
CA GLY A 482 6.13 9.37 14.29
C GLY A 482 7.63 9.35 14.48
N HIS A 483 8.25 8.28 13.97
CA HIS A 483 9.67 8.12 13.98
C HIS A 483 10.04 7.16 12.88
N LEU A 484 11.34 6.97 12.72
CA LEU A 484 11.89 5.98 11.80
C LEU A 484 13.28 5.62 12.24
N LEU A 485 13.80 4.57 11.64
CA LEU A 485 15.24 4.31 11.60
C LEU A 485 15.65 4.37 10.14
N ARG A 486 16.77 5.05 9.88
CA ARG A 486 17.43 4.97 8.58
C ARG A 486 18.68 4.15 8.81
N THR A 487 18.79 3.01 8.13
CA THR A 487 19.86 2.06 8.36
C THR A 487 20.72 1.91 7.12
N LYS A 488 22.04 2.04 7.29
CA LYS A 488 23.03 1.94 6.21
C LYS A 488 24.02 0.82 6.49
N LEU A 489 24.70 0.34 5.44
CA LEU A 489 25.97 -0.40 5.58
C LEU A 489 26.95 0.49 6.33
N ARG A 490 27.67 -0.07 7.29
CA ARG A 490 28.69 0.68 8.03
C ARG A 490 29.92 0.92 7.12
N GLU A 491 30.51 -0.17 6.63
CA GLU A 491 31.70 -0.16 5.75
C GLU A 491 32.56 1.11 5.82
N GLY A 502 20.56 4.55 2.42
CA GLY A 502 20.37 3.16 2.85
C GLY A 502 18.91 2.71 2.78
N VAL A 503 18.35 2.20 3.88
CA VAL A 503 16.96 1.69 3.87
C VAL A 503 16.17 2.12 5.07
N GLY A 504 14.84 2.04 4.93
CA GLY A 504 13.91 2.31 6.00
C GLY A 504 13.92 1.17 6.98
N ASP A 505 13.71 1.48 8.26
CA ASP A 505 13.86 0.52 9.34
C ASP A 505 13.01 1.06 10.50
N SER A 506 12.82 0.27 11.54
CA SER A 506 12.11 0.71 12.72
C SER A 506 12.76 0.08 13.95
N PRO A 507 12.71 0.75 15.11
CA PRO A 507 13.49 0.28 16.25
C PRO A 507 12.85 -0.89 16.98
N TYR A 508 13.66 -1.80 17.48
CA TYR A 508 13.21 -2.85 18.39
C TYR A 508 13.91 -2.60 19.72
N LEU A 509 13.15 -2.19 20.73
CA LEU A 509 13.74 -1.56 21.92
C LEU A 509 14.23 -2.55 22.96
N PHE A 510 15.42 -2.32 23.52
CA PHE A 510 16.01 -3.21 24.56
C PHE A 510 16.49 -2.54 25.86
N GLU B 27 -32.70 7.16 -18.97
CA GLU B 27 -31.92 6.24 -18.09
C GLU B 27 -30.55 6.89 -17.77
N LEU B 28 -29.74 6.16 -17.02
CA LEU B 28 -28.35 6.52 -16.73
C LEU B 28 -27.43 5.72 -17.66
N GLU B 29 -27.85 5.44 -18.89
CA GLU B 29 -27.16 4.46 -19.75
C GLU B 29 -25.91 4.97 -20.46
N ASP B 30 -25.76 6.29 -20.61
CA ASP B 30 -24.50 6.84 -21.08
C ASP B 30 -24.06 7.98 -20.17
N TYR B 31 -24.08 7.73 -18.84
CA TYR B 31 -23.58 8.72 -17.87
C TYR B 31 -22.06 8.85 -17.96
N VAL B 32 -21.38 7.80 -18.43
CA VAL B 32 -19.91 7.79 -18.50
C VAL B 32 -19.43 8.85 -19.48
N GLU B 33 -20.05 8.91 -20.65
CA GLU B 33 -19.78 9.93 -21.67
C GLU B 33 -20.11 11.35 -21.17
N LYS B 34 -21.23 11.46 -20.44
CA LYS B 34 -21.69 12.71 -19.82
C LYS B 34 -20.76 13.19 -18.71
N SER B 35 -20.14 12.25 -17.98
CA SER B 35 -19.28 12.54 -16.84
C SER B 35 -17.80 12.80 -17.18
N VAL B 36 -17.38 12.42 -18.38
CA VAL B 36 -15.99 12.56 -18.82
C VAL B 36 -15.99 13.37 -20.12
N ASN B 37 -15.90 14.69 -19.99
CA ASN B 37 -16.10 15.59 -21.14
C ASN B 37 -14.84 16.26 -21.71
N SER B 38 -13.64 15.78 -21.35
CA SER B 38 -12.39 16.26 -21.95
C SER B 38 -11.23 15.30 -21.70
N GLU B 39 -10.16 15.42 -22.50
CA GLU B 39 -8.94 14.65 -22.25
C GLU B 39 -8.26 15.05 -20.93
N THR B 40 -8.37 16.33 -20.59
CA THR B 40 -7.89 16.83 -19.30
C THR B 40 -8.59 16.16 -18.11
N LYS B 41 -9.91 16.05 -18.17
CA LYS B 41 -10.66 15.35 -17.13
C LYS B 41 -10.35 13.86 -17.12
N LEU B 42 -10.18 13.28 -18.30
CA LEU B 42 -9.91 11.88 -18.39
C LEU B 42 -8.60 11.51 -17.71
N HIS B 43 -7.54 12.30 -17.93
CA HIS B 43 -6.23 12.03 -17.30
C HIS B 43 -6.22 12.34 -15.82
N LYS B 44 -6.94 13.38 -15.39
CA LYS B 44 -7.02 13.68 -13.95
C LYS B 44 -7.72 12.55 -13.15
N LEU B 45 -8.78 11.98 -13.72
CA LEU B 45 -9.47 10.84 -13.11
C LEU B 45 -8.63 9.56 -13.15
N ALA B 46 -8.07 9.25 -14.33
CA ALA B 46 -7.20 8.09 -14.50
C ALA B 46 -5.99 8.13 -13.56
N ASP B 47 -5.38 9.30 -13.43
CA ASP B 47 -4.20 9.49 -12.58
C ASP B 47 -4.55 9.17 -11.15
N PHE B 48 -5.71 9.68 -10.73
CA PHE B 48 -6.19 9.46 -9.36
C PHE B 48 -6.48 7.97 -9.11
N ALA B 49 -7.17 7.35 -10.06
CA ALA B 49 -7.55 5.93 -9.97
C ALA B 49 -6.35 4.97 -9.89
N ILE B 50 -5.30 5.28 -10.67
CA ILE B 50 -4.11 4.44 -10.71
C ILE B 50 -3.40 4.50 -9.36
N ASP B 51 -3.21 5.71 -8.83
CA ASP B 51 -2.61 5.87 -7.50
C ASP B 51 -3.47 5.20 -6.44
N TRP B 52 -4.78 5.38 -6.52
CA TRP B 52 -5.71 4.71 -5.57
C TRP B 52 -5.53 3.19 -5.59
N ALA B 53 -5.37 2.62 -6.79
CA ALA B 53 -5.27 1.19 -6.96
C ALA B 53 -4.06 0.65 -6.26
N HIS B 54 -2.91 1.28 -6.51
CA HIS B 54 -1.69 0.87 -5.82
C HIS B 54 -1.79 1.03 -4.29
N ASN B 55 -2.36 2.14 -3.84
CA ASN B 55 -2.52 2.38 -2.39
C ASN B 55 -3.51 1.45 -1.69
N ASN B 56 -4.41 0.80 -2.42
CA ASN B 56 -5.41 -0.05 -1.80
C ASN B 56 -5.32 -1.51 -2.22
N GLY B 57 -4.23 -1.88 -2.89
CA GLY B 57 -3.96 -3.28 -3.22
C GLY B 57 -4.73 -3.84 -4.40
N LEU B 58 -5.20 -2.97 -5.28
CA LEU B 58 -5.85 -3.36 -6.53
C LEU B 58 -4.75 -3.55 -7.56
N ILE B 59 -4.00 -4.63 -7.37
CA ILE B 59 -2.73 -4.84 -8.07
C ILE B 59 -2.53 -6.28 -8.53
N LEU B 60 -1.62 -6.44 -9.49
CA LEU B 60 -1.16 -7.74 -10.00
C LEU B 60 0.34 -7.66 -10.23
N ARG B 61 1.00 -8.81 -10.32
CA ARG B 61 2.40 -8.85 -10.78
C ARG B 61 2.46 -8.45 -12.24
N THR B 62 3.59 -7.85 -12.61
CA THR B 62 3.81 -7.42 -13.98
C THR B 62 3.93 -8.62 -14.91
N LYS B 63 3.52 -8.43 -16.18
CA LYS B 63 3.69 -9.46 -17.21
C LYS B 63 5.17 -9.87 -17.34
N GLN B 64 6.06 -8.87 -17.23
CA GLN B 64 7.50 -9.09 -17.40
C GLN B 64 8.10 -9.99 -16.30
N PHE B 65 7.53 -9.97 -15.09
CA PHE B 65 8.08 -10.69 -13.93
C PHE B 65 6.99 -11.41 -13.15
N LEU B 66 6.34 -12.39 -13.79
CA LEU B 66 5.27 -13.19 -13.15
C LEU B 66 5.72 -14.03 -11.95
N ASN B 67 7.04 -14.27 -11.83
CA ASN B 67 7.63 -15.04 -10.72
C ASN B 67 8.12 -14.19 -9.54
N LYS B 68 7.99 -12.86 -9.65
CA LYS B 68 8.55 -11.89 -8.70
C LYS B 68 7.56 -10.81 -8.34
N SER B 69 7.52 -10.47 -7.05
CA SER B 69 6.66 -9.41 -6.53
C SER B 69 7.37 -8.08 -6.32
N ASP B 70 8.64 -7.96 -6.72
CA ASP B 70 9.38 -6.73 -6.49
C ASP B 70 8.67 -5.53 -7.09
N VAL B 71 8.12 -5.71 -8.28
CA VAL B 71 7.27 -4.70 -8.89
C VAL B 71 5.87 -5.24 -9.10
N ALA B 72 4.92 -4.33 -9.22
CA ALA B 72 3.52 -4.65 -9.38
C ALA B 72 2.86 -3.55 -10.20
N GLU B 73 1.85 -3.93 -10.98
CA GLU B 73 1.08 -3.00 -11.78
C GLU B 73 -0.33 -3.05 -11.24
N PHE B 74 -1.12 -2.04 -11.58
CA PHE B 74 -2.53 -1.99 -11.15
C PHE B 74 -3.36 -2.96 -12.00
N ALA B 75 -4.41 -3.50 -11.41
CA ALA B 75 -5.28 -4.45 -12.08
C ALA B 75 -6.07 -3.73 -13.16
N PRO B 76 -6.22 -4.35 -14.34
CA PRO B 76 -6.92 -3.66 -15.41
C PRO B 76 -8.43 -3.48 -15.05
N VAL B 77 -8.93 -2.26 -15.16
CA VAL B 77 -10.29 -1.91 -14.72
C VAL B 77 -10.91 -0.85 -15.63
N SER B 78 -12.24 -0.79 -15.60
CA SER B 78 -12.95 0.31 -16.22
C SER B 78 -12.77 1.54 -15.34
N LEU B 79 -12.86 2.71 -15.95
CA LEU B 79 -12.70 3.98 -15.24
C LEU B 79 -13.91 4.24 -14.33
N LEU B 80 -15.11 3.97 -14.84
CA LEU B 80 -16.35 4.12 -14.07
C LEU B 80 -17.14 2.82 -14.08
N PRO B 81 -18.06 2.63 -13.10
CA PRO B 81 -18.85 1.41 -13.08
C PRO B 81 -19.89 1.40 -14.20
N SER B 82 -19.92 0.31 -14.98
CA SER B 82 -20.79 0.20 -16.14
C SER B 82 -22.25 0.09 -15.71
N PRO B 83 -23.17 0.82 -16.39
CA PRO B 83 -24.60 0.65 -16.12
C PRO B 83 -25.09 -0.78 -16.28
N PHE B 84 -25.91 -1.22 -15.34
CA PHE B 84 -26.49 -2.57 -15.36
C PHE B 84 -27.91 -2.48 -14.77
N PRO B 85 -28.91 -3.15 -15.39
CA PRO B 85 -30.26 -3.09 -14.83
C PRO B 85 -30.36 -3.62 -13.41
N ARG B 86 -31.07 -2.91 -12.54
CA ARG B 86 -31.28 -3.36 -11.15
C ARG B 86 -32.06 -4.68 -11.06
N HIS B 87 -33.09 -4.86 -11.90
CA HIS B 87 -33.88 -6.10 -11.91
C HIS B 87 -33.01 -7.33 -12.22
N ALA B 88 -32.12 -7.22 -13.20
CA ALA B 88 -31.29 -8.35 -13.63
C ALA B 88 -30.24 -8.71 -12.59
N PHE B 89 -29.62 -7.70 -11.98
CA PHE B 89 -28.69 -7.93 -10.85
C PHE B 89 -29.40 -8.62 -9.71
N GLU B 90 -30.60 -8.18 -9.37
CA GLU B 90 -31.33 -8.75 -8.23
C GLU B 90 -31.76 -10.18 -8.49
N LYS B 91 -32.15 -10.47 -9.72
CA LYS B 91 -32.48 -11.82 -10.14
C LYS B 91 -31.29 -12.77 -10.00
N ALA B 92 -30.14 -12.35 -10.49
CA ALA B 92 -28.92 -13.19 -10.49
C ALA B 92 -28.39 -13.48 -9.11
N VAL B 93 -28.44 -12.48 -8.23
CA VAL B 93 -28.07 -12.62 -6.81
C VAL B 93 -29.04 -13.54 -6.06
N ALA B 94 -30.34 -13.34 -6.27
CA ALA B 94 -31.41 -14.10 -5.60
C ALA B 94 -31.39 -15.61 -5.87
N VAL B 95 -31.03 -16.03 -7.08
CA VAL B 95 -31.07 -17.44 -7.50
C VAL B 95 -29.80 -18.21 -7.12
N HIS B 96 -28.78 -17.51 -6.58
CA HIS B 96 -27.45 -18.08 -6.47
C HIS B 96 -27.37 -19.24 -5.47
N GLU B 97 -28.02 -19.11 -4.32
CA GLU B 97 -27.99 -20.16 -3.29
C GLU B 97 -28.64 -21.45 -3.78
N ALA B 98 -29.70 -21.32 -4.55
CA ALA B 98 -30.34 -22.48 -5.18
C ALA B 98 -29.45 -23.06 -6.26
N LEU B 99 -28.80 -22.19 -7.04
CA LEU B 99 -27.85 -22.67 -8.06
C LEU B 99 -26.69 -23.42 -7.42
N GLN B 100 -26.20 -22.92 -6.28
CA GLN B 100 -25.11 -23.59 -5.58
C GLN B 100 -25.56 -24.95 -5.04
N LEU B 101 -26.76 -25.01 -4.47
CA LEU B 101 -27.33 -26.25 -3.99
C LEU B 101 -27.48 -27.26 -5.12
N LEU B 102 -27.89 -26.80 -6.29
CA LEU B 102 -28.01 -27.66 -7.47
C LEU B 102 -26.72 -28.37 -7.81
N TYR B 103 -25.66 -27.58 -7.98
CA TYR B 103 -24.37 -28.11 -8.42
C TYR B 103 -23.70 -28.95 -7.33
N PHE B 104 -23.91 -28.60 -6.06
CA PHE B 104 -23.48 -29.46 -4.95
C PHE B 104 -24.13 -30.86 -5.09
N ARG B 105 -25.44 -30.89 -5.26
CA ARG B 105 -26.16 -32.15 -5.46
C ARG B 105 -25.76 -32.91 -6.73
N VAL B 106 -25.44 -32.18 -7.81
CA VAL B 106 -24.92 -32.79 -9.03
C VAL B 106 -23.58 -33.46 -8.72
N ALA B 107 -22.67 -32.73 -8.09
CA ALA B 107 -21.36 -33.27 -7.71
C ALA B 107 -21.49 -34.53 -6.85
N CYS B 108 -22.48 -34.56 -5.96
CA CYS B 108 -22.69 -35.70 -5.07
C CYS B 108 -23.38 -36.92 -5.70
N ASP B 109 -23.91 -36.77 -6.91
CA ASP B 109 -24.64 -37.83 -7.61
C ASP B 109 -23.66 -38.53 -8.55
N TYR B 110 -22.99 -39.56 -8.04
CA TYR B 110 -21.99 -40.31 -8.79
C TYR B 110 -22.56 -40.90 -10.09
N GLU B 111 -23.79 -41.42 -10.03
CA GLU B 111 -24.42 -42.06 -11.20
C GLU B 111 -24.66 -41.05 -12.31
N PHE B 112 -25.16 -39.86 -11.94
CA PHE B 112 -25.35 -38.75 -12.89
C PHE B 112 -24.03 -38.28 -13.51
N MET B 113 -22.99 -38.11 -12.69
CA MET B 113 -21.69 -37.64 -13.18
C MET B 113 -21.04 -38.63 -14.16
N MET B 114 -21.05 -39.92 -13.83
CA MET B 114 -20.46 -40.93 -14.71
C MET B 114 -21.21 -41.04 -16.04
N ASP B 115 -22.55 -40.94 -15.99
CA ASP B 115 -23.39 -40.97 -17.19
C ASP B 115 -23.16 -39.77 -18.11
N ALA B 116 -23.02 -38.59 -17.52
CA ALA B 116 -22.74 -37.37 -18.27
C ALA B 116 -21.38 -37.40 -18.97
N TYR B 117 -20.44 -38.16 -18.43
CA TYR B 117 -19.09 -38.24 -18.97
C TYR B 117 -18.77 -39.55 -19.74
N LYS B 118 -19.72 -40.48 -19.85
CA LYS B 118 -19.46 -41.83 -20.40
C LYS B 118 -18.91 -41.86 -21.84
N ASP B 119 -19.39 -40.95 -22.68
CA ASP B 119 -18.95 -40.84 -24.08
C ASP B 119 -17.79 -39.88 -24.25
N VAL B 120 -17.90 -38.70 -23.64
CA VAL B 120 -16.85 -37.68 -23.70
C VAL B 120 -15.45 -38.23 -23.32
N VAL B 121 -15.41 -39.05 -22.29
CA VAL B 121 -14.22 -39.83 -21.87
C VAL B 121 -13.39 -40.46 -23.01
N ASN B 122 -14.06 -41.00 -24.03
CA ASN B 122 -13.39 -41.74 -25.12
C ASN B 122 -12.62 -40.85 -26.12
N THR B 123 -12.99 -39.58 -26.23
CA THR B 123 -12.33 -38.64 -27.17
C THR B 123 -11.37 -37.62 -26.50
N ASP B 124 -11.45 -37.47 -25.17
CA ASP B 124 -10.71 -36.44 -24.42
C ASP B 124 -9.92 -37.05 -23.26
N ASN B 125 -8.60 -37.15 -23.43
CA ASN B 125 -7.73 -37.79 -22.43
C ASN B 125 -7.62 -37.01 -21.10
N HIS B 126 -7.71 -35.68 -21.19
CA HIS B 126 -7.69 -34.84 -20.00
C HIS B 126 -8.86 -35.16 -19.08
N LEU B 127 -10.07 -35.13 -19.63
CA LEU B 127 -11.29 -35.48 -18.90
C LEU B 127 -11.32 -36.96 -18.48
N ARG B 128 -10.71 -37.85 -19.25
CA ARG B 128 -10.62 -39.26 -18.87
C ARG B 128 -9.78 -39.44 -17.59
N GLN B 129 -8.59 -38.85 -17.56
CA GLN B 129 -7.75 -38.91 -16.37
C GLN B 129 -8.48 -38.38 -15.11
N LEU B 130 -9.21 -37.26 -15.26
CA LEU B 130 -9.98 -36.65 -14.15
C LEU B 130 -11.12 -37.52 -13.65
N VAL B 131 -11.87 -38.11 -14.56
CA VAL B 131 -12.96 -39.01 -14.20
C VAL B 131 -12.40 -40.27 -13.54
N ASN B 132 -11.25 -40.76 -14.00
CA ASN B 132 -10.58 -41.91 -13.36
C ASN B 132 -10.14 -41.65 -11.94
N ILE B 133 -9.81 -40.40 -11.62
CA ILE B 133 -9.51 -40.01 -10.24
C ILE B 133 -10.76 -40.14 -9.38
N ILE B 134 -11.87 -39.59 -9.88
CA ILE B 134 -13.17 -39.69 -9.22
C ILE B 134 -13.61 -41.13 -9.07
N LYS B 135 -13.37 -41.95 -10.09
CA LYS B 135 -13.66 -43.39 -10.00
C LYS B 135 -12.82 -44.05 -8.91
N ASP B 136 -11.53 -43.75 -8.85
CA ASP B 136 -10.66 -44.30 -7.82
C ASP B 136 -11.04 -43.82 -6.41
N ALA B 137 -11.46 -42.56 -6.29
CA ALA B 137 -11.94 -42.04 -5.00
C ALA B 137 -13.21 -42.76 -4.53
N HIS B 138 -14.13 -42.97 -5.46
CA HIS B 138 -15.38 -43.69 -5.19
C HIS B 138 -15.14 -45.14 -4.76
N LYS B 139 -14.26 -45.87 -5.44
CA LYS B 139 -13.92 -47.27 -5.05
C LYS B 139 -13.25 -47.40 -3.68
N GLN B 140 -12.38 -46.44 -3.35
CA GLN B 140 -11.73 -46.43 -2.04
C GLN B 140 -12.67 -46.00 -0.90
N GLY B 141 -13.79 -45.35 -1.22
CA GLY B 141 -14.67 -44.78 -0.20
C GLY B 141 -14.15 -43.38 0.15
N ILE B 142 -15.04 -42.41 0.31
CA ILE B 142 -14.55 -41.05 0.51
C ILE B 142 -14.12 -40.87 1.98
N LYS B 143 -12.95 -40.30 2.15
CA LYS B 143 -12.30 -40.20 3.45
C LYS B 143 -12.57 -38.91 4.20
N GLN B 144 -13.06 -37.87 3.51
CA GLN B 144 -13.41 -36.60 4.13
C GLN B 144 -14.78 -36.13 3.65
N PRO B 145 -15.80 -36.18 4.52
CA PRO B 145 -17.14 -35.76 4.11
C PRO B 145 -17.28 -34.24 3.89
N THR B 146 -16.52 -33.43 4.62
CA THR B 146 -16.64 -31.98 4.51
C THR B 146 -15.93 -31.46 3.27
N THR B 147 -16.63 -30.61 2.54
CA THR B 147 -16.08 -29.99 1.33
C THR B 147 -16.63 -28.58 1.22
N LEU B 148 -15.91 -27.75 0.47
CA LEU B 148 -16.27 -26.36 0.28
C LEU B 148 -16.43 -26.08 -1.19
N LEU B 149 -17.66 -25.87 -1.62
CA LEU B 149 -17.93 -25.46 -3.00
C LEU B 149 -17.72 -23.95 -3.10
N ILE B 150 -16.97 -23.52 -4.12
CA ILE B 150 -16.75 -22.12 -4.42
C ILE B 150 -17.18 -21.90 -5.86
N MET B 151 -18.23 -21.10 -6.07
CA MET B 151 -18.85 -20.96 -7.38
C MET B 151 -18.89 -19.51 -7.85
N ARG B 152 -18.65 -19.30 -9.15
CA ARG B 152 -19.06 -18.09 -9.83
C ARG B 152 -20.00 -18.43 -10.97
N ALA B 153 -21.17 -17.79 -10.99
CA ALA B 153 -22.13 -17.93 -12.08
C ALA B 153 -22.01 -16.69 -12.94
N ASP B 154 -21.84 -16.86 -14.25
CA ASP B 154 -21.69 -15.73 -15.18
C ASP B 154 -22.99 -15.54 -15.96
N TYR B 155 -23.43 -14.28 -16.10
CA TYR B 155 -24.63 -13.95 -16.85
C TYR B 155 -24.35 -12.85 -17.86
N MET B 156 -25.00 -12.91 -19.01
CA MET B 156 -25.06 -11.79 -19.95
C MET B 156 -26.50 -11.29 -20.01
N LEU B 157 -26.68 -10.03 -20.40
CA LEU B 157 -28.01 -9.52 -20.68
C LEU B 157 -28.33 -9.94 -22.10
N ASN B 158 -29.58 -10.31 -22.39
CA ASN B 158 -29.98 -10.67 -23.74
C ASN B 158 -31.09 -9.73 -24.19
N THR B 159 -30.92 -9.13 -25.35
CA THR B 159 -31.82 -8.04 -25.80
C THR B 159 -33.15 -8.58 -26.38
N LEU B 160 -34.25 -7.94 -25.98
CA LEU B 160 -35.59 -8.15 -26.56
C LEU B 160 -36.04 -6.84 -27.21
N GLU B 168 -35.56 -3.48 -23.64
CA GLU B 168 -35.61 -4.37 -22.47
C GLU B 168 -34.69 -5.60 -22.59
N TYR B 169 -34.22 -6.11 -21.45
CA TYR B 169 -33.26 -7.23 -21.42
C TYR B 169 -33.67 -8.30 -20.42
N GLU B 170 -33.45 -9.56 -20.80
CA GLU B 170 -33.60 -10.70 -19.88
C GLU B 170 -32.21 -11.14 -19.43
N LEU B 171 -32.11 -11.64 -18.21
CA LEU B 171 -30.86 -12.15 -17.68
C LEU B 171 -30.74 -13.61 -18.10
N LYS B 172 -29.61 -13.97 -18.73
CA LYS B 172 -29.32 -15.35 -19.12
C LYS B 172 -27.94 -15.82 -18.65
N GLN B 173 -27.87 -17.08 -18.23
CA GLN B 173 -26.63 -17.68 -17.73
C GLN B 173 -25.78 -18.17 -18.91
N VAL B 174 -24.50 -17.76 -18.91
CA VAL B 174 -23.54 -18.25 -19.93
C VAL B 174 -22.69 -19.40 -19.45
N GLU B 175 -22.26 -19.34 -18.20
CA GLU B 175 -21.35 -20.32 -17.66
C GLU B 175 -21.52 -20.38 -16.15
N VAL B 176 -21.12 -21.52 -15.62
CA VAL B 176 -20.92 -21.73 -14.21
C VAL B 176 -19.47 -22.17 -14.04
N ASN B 177 -18.81 -21.65 -13.02
CA ASN B 177 -17.39 -21.94 -12.73
C ASN B 177 -17.28 -22.43 -11.32
N THR B 178 -16.78 -23.65 -11.15
CA THR B 178 -16.56 -24.20 -9.81
C THR B 178 -15.18 -24.67 -9.37
N GLY B 179 -14.16 -24.76 -10.22
CA GLY B 179 -12.89 -25.39 -9.81
C GLY B 179 -11.69 -24.53 -9.42
N ALA B 180 -11.78 -23.25 -9.71
CA ALA B 180 -10.74 -22.29 -9.34
C ALA B 180 -11.30 -20.88 -9.38
N ILE B 181 -11.79 -20.42 -8.23
CA ILE B 181 -12.36 -19.11 -8.11
C ILE B 181 -11.48 -18.32 -7.16
N GLY B 182 -11.08 -17.12 -7.60
CA GLY B 182 -10.35 -16.17 -6.77
C GLY B 182 -10.49 -14.76 -7.28
N GLY B 183 -9.70 -13.87 -6.71
CA GLY B 183 -9.74 -12.45 -7.10
C GLY B 183 -10.94 -11.72 -6.54
N LEU B 184 -11.53 -12.22 -5.45
CA LEU B 184 -12.70 -11.56 -4.86
C LEU B 184 -12.29 -10.26 -4.14
N GLY B 185 -11.08 -10.23 -3.59
CA GLY B 185 -10.46 -9.00 -3.11
C GLY B 185 -10.21 -7.98 -4.19
N ILE B 186 -9.83 -8.42 -5.39
CA ILE B 186 -9.72 -7.55 -6.57
C ILE B 186 -11.09 -6.93 -6.89
N ASP B 187 -12.14 -7.76 -6.85
CA ASP B 187 -13.52 -7.33 -7.11
C ASP B 187 -14.03 -6.31 -6.11
N ARG B 188 -13.83 -6.56 -4.81
CA ARG B 188 -14.22 -5.60 -3.80
C ARG B 188 -13.52 -4.27 -4.00
N ARG B 189 -12.21 -4.32 -4.22
CA ARG B 189 -11.42 -3.11 -4.37
C ARG B 189 -11.82 -2.32 -5.60
N THR B 190 -12.18 -3.04 -6.66
CA THR B 190 -12.74 -2.45 -7.86
C THR B 190 -14.04 -1.68 -7.55
N THR B 191 -14.93 -2.24 -6.74
CA THR B 191 -16.14 -1.55 -6.29
C THR B 191 -15.78 -0.27 -5.52
N GLU B 192 -14.84 -0.40 -4.57
CA GLU B 192 -14.36 0.73 -3.78
C GLU B 192 -13.72 1.84 -4.66
N LEU B 193 -12.89 1.44 -5.61
CA LEU B 193 -12.37 2.39 -6.59
C LEU B 193 -13.50 3.12 -7.31
N HIS B 194 -14.51 2.37 -7.76
CA HIS B 194 -15.63 2.95 -8.53
C HIS B 194 -16.49 3.89 -7.72
N ARG B 195 -16.63 3.63 -6.44
CA ARG B 195 -17.27 4.62 -5.56
C ARG B 195 -16.50 5.92 -5.44
N GLN B 196 -15.17 5.83 -5.43
CA GLN B 196 -14.34 7.02 -5.45
C GLN B 196 -14.54 7.79 -6.75
N MET B 197 -14.55 7.07 -7.89
CA MET B 197 -14.65 7.71 -9.19
C MET B 197 -16.01 8.38 -9.39
N LEU B 198 -17.06 7.72 -8.90
CA LEU B 198 -18.40 8.29 -8.88
C LEU B 198 -18.47 9.61 -8.13
N ARG B 199 -17.85 9.68 -6.94
CA ARG B 199 -17.76 10.93 -6.18
C ARG B 199 -17.05 12.01 -6.97
N LYS B 200 -15.96 11.67 -7.66
CA LYS B 200 -15.19 12.66 -8.43
C LYS B 200 -15.94 13.27 -9.61
N VAL B 201 -16.91 12.56 -10.18
CA VAL B 201 -17.72 13.10 -11.28
C VAL B 201 -19.13 13.49 -10.81
N GLY B 202 -19.31 13.64 -9.50
CA GLY B 202 -20.54 14.18 -8.92
C GLY B 202 -21.75 13.29 -9.02
N MET B 203 -21.57 11.98 -8.86
CA MET B 203 -22.66 11.01 -9.01
C MET B 203 -22.96 10.30 -7.70
N ASP B 204 -24.23 9.96 -7.50
CA ASP B 204 -24.72 9.25 -6.31
C ASP B 204 -24.11 7.84 -6.26
N THR B 205 -23.51 7.48 -5.13
CA THR B 205 -22.91 6.15 -4.98
C THR B 205 -23.83 5.04 -4.50
N SER B 206 -25.06 5.35 -4.10
CA SER B 206 -25.99 4.33 -3.56
C SER B 206 -26.47 3.29 -4.59
N ASN B 207 -26.34 3.59 -5.88
CA ASN B 207 -26.57 2.58 -6.94
C ASN B 207 -25.36 1.66 -7.23
N SER B 208 -24.24 1.83 -6.52
CA SER B 208 -23.12 0.88 -6.53
C SER B 208 -23.29 -0.12 -5.38
N PRO B 209 -23.72 -1.36 -5.65
CA PRO B 209 -23.98 -2.25 -4.52
C PRO B 209 -22.73 -2.75 -3.76
N ALA B 210 -22.89 -3.00 -2.46
CA ALA B 210 -21.86 -3.55 -1.58
C ALA B 210 -21.32 -4.85 -2.15
N ASN B 211 -20.02 -5.09 -1.95
CA ASN B 211 -19.34 -6.16 -2.63
C ASN B 211 -18.27 -6.73 -1.70
N ASN B 212 -18.70 -7.63 -0.82
CA ASN B 212 -17.87 -8.17 0.23
C ASN B 212 -17.68 -9.67 0.14
N GLY B 213 -17.49 -10.16 -1.09
CA GLY B 213 -17.24 -11.56 -1.32
C GLY B 213 -15.94 -12.07 -0.74
N ASP B 214 -14.90 -11.24 -0.77
CA ASP B 214 -13.61 -11.62 -0.20
C ASP B 214 -13.68 -12.00 1.28
N SER B 215 -14.52 -11.31 2.05
CA SER B 215 -14.80 -11.70 3.42
C SER B 215 -15.48 -13.04 3.56
N ASN B 216 -16.42 -13.36 2.66
CA ASN B 216 -17.08 -14.66 2.73
C ASN B 216 -16.09 -15.76 2.39
N MET B 217 -15.31 -15.53 1.34
CA MET B 217 -14.24 -16.44 0.94
C MET B 217 -13.36 -16.82 2.13
N ILE B 218 -12.86 -15.82 2.83
CA ILE B 218 -11.98 -16.02 3.98
C ILE B 218 -12.67 -16.68 5.16
N GLU B 219 -13.86 -16.21 5.53
CA GLU B 219 -14.64 -16.85 6.60
C GLU B 219 -14.96 -18.33 6.29
N SER B 220 -15.28 -18.60 5.03
CA SER B 220 -15.68 -19.92 4.60
C SER B 220 -14.48 -20.82 4.59
N LEU B 221 -13.34 -20.31 4.12
CA LEU B 221 -12.08 -21.06 4.12
C LEU B 221 -11.62 -21.37 5.53
N PHE B 222 -11.73 -20.40 6.42
CA PHE B 222 -11.41 -20.59 7.84
C PHE B 222 -12.35 -21.61 8.51
N MET B 223 -13.63 -21.52 8.21
CA MET B 223 -14.64 -22.48 8.67
C MET B 223 -14.26 -23.91 8.27
N ALA B 224 -13.82 -24.07 7.01
CA ALA B 224 -13.37 -25.36 6.49
C ALA B 224 -12.13 -25.86 7.22
N TRP B 225 -11.19 -24.95 7.47
CA TRP B 225 -9.99 -25.32 8.21
C TRP B 225 -10.30 -25.81 9.64
N GLU B 226 -11.21 -25.14 10.36
CA GLU B 226 -11.65 -25.61 11.70
C GLU B 226 -12.35 -26.97 11.66
N ALA B 227 -13.15 -27.20 10.62
CA ALA B 227 -13.87 -28.46 10.44
C ALA B 227 -12.96 -29.68 10.30
N PHE B 228 -11.69 -29.47 9.90
CA PHE B 228 -10.73 -30.56 9.84
C PHE B 228 -10.45 -31.10 11.23
N GLY B 229 -10.40 -30.21 12.22
CA GLY B 229 -10.26 -30.61 13.62
C GLY B 229 -8.84 -30.89 14.07
N ASN B 230 -7.85 -30.17 13.52
CA ASN B 230 -6.46 -30.27 13.94
C ASN B 230 -5.78 -28.94 13.63
N LYS B 231 -5.64 -28.11 14.67
CA LYS B 231 -4.96 -26.79 14.58
C LYS B 231 -3.51 -26.79 14.04
N ASN B 232 -2.80 -27.94 14.08
CA ASN B 232 -1.47 -28.06 13.47
C ASN B 232 -1.49 -28.46 11.99
N ALA B 233 -2.68 -28.74 11.44
CA ALA B 233 -2.84 -29.09 10.05
C ALA B 233 -2.65 -27.88 9.16
N LEU B 234 -1.93 -28.06 8.06
CA LEU B 234 -1.62 -26.99 7.11
C LEU B 234 -2.84 -26.55 6.35
N PHE B 235 -2.84 -25.29 5.91
CA PHE B 235 -3.79 -24.79 4.91
C PHE B 235 -2.96 -24.61 3.67
N VAL B 236 -3.34 -25.25 2.56
CA VAL B 236 -2.54 -25.20 1.33
C VAL B 236 -3.26 -24.46 0.21
N PHE B 237 -2.55 -23.48 -0.37
CA PHE B 237 -2.97 -22.85 -1.60
C PHE B 237 -2.38 -23.65 -2.71
N LEU B 238 -3.20 -24.45 -3.38
CA LEU B 238 -2.78 -25.20 -4.56
C LEU B 238 -2.81 -24.18 -5.67
N SER B 239 -1.63 -23.74 -6.09
CA SER B 239 -1.52 -22.58 -6.97
C SER B 239 -0.26 -22.61 -7.81
N HIS B 240 -0.29 -21.87 -8.92
CA HIS B 240 0.88 -21.73 -9.79
C HIS B 240 1.95 -20.90 -9.07
N GLU B 241 3.23 -21.17 -9.36
CA GLU B 241 4.34 -20.34 -8.85
C GLU B 241 4.38 -18.99 -9.57
N ARG B 242 4.25 -19.04 -10.89
CA ARG B 242 4.13 -17.83 -11.72
C ARG B 242 2.67 -17.43 -11.89
N LEU B 243 2.22 -16.40 -11.17
CA LEU B 243 0.84 -15.91 -11.31
C LEU B 243 0.68 -14.43 -10.97
N GLN B 244 -0.17 -13.76 -11.74
CA GLN B 244 -0.52 -12.36 -11.51
C GLN B 244 -1.25 -12.12 -10.19
N TYR B 245 -2.05 -13.11 -9.78
CA TYR B 245 -2.94 -13.03 -8.60
C TYR B 245 -2.25 -13.32 -7.25
N LYS B 246 -0.93 -13.42 -7.20
CA LYS B 246 -0.23 -13.75 -5.96
C LYS B 246 -0.56 -12.80 -4.79
N PHE B 247 -0.69 -11.50 -5.09
CA PHE B 247 -1.01 -10.53 -4.06
C PHE B 247 -2.37 -10.80 -3.45
N GLU B 248 -3.31 -11.28 -4.28
CA GLU B 248 -4.64 -11.63 -3.78
C GLU B 248 -4.60 -12.78 -2.76
N LEU B 249 -3.87 -13.84 -3.11
CA LEU B 249 -3.69 -15.00 -2.23
C LEU B 249 -3.01 -14.60 -0.91
N ARG B 250 -2.03 -13.69 -0.98
CA ARG B 250 -1.40 -13.17 0.23
C ARG B 250 -2.35 -12.44 1.14
N ASN B 251 -3.27 -11.70 0.56
CA ASN B 251 -4.32 -11.10 1.37
C ASN B 251 -5.17 -12.11 2.13
N ILE B 252 -5.53 -13.20 1.47
CA ILE B 252 -6.26 -14.30 2.10
C ILE B 252 -5.40 -14.89 3.21
N GLN B 253 -4.11 -15.13 2.93
CA GLN B 253 -3.19 -15.66 3.94
C GLN B 253 -3.19 -14.86 5.24
N CYS B 254 -2.99 -13.55 5.12
CA CYS B 254 -2.90 -12.65 6.27
C CYS B 254 -4.18 -12.61 7.07
N GLN B 255 -5.31 -12.64 6.38
CA GLN B 255 -6.58 -12.58 7.05
C GLN B 255 -6.94 -13.93 7.70
N LEU B 256 -6.55 -15.04 7.07
CA LEU B 256 -6.70 -16.38 7.68
C LEU B 256 -5.87 -16.54 8.94
N GLU B 257 -4.65 -16.01 8.89
CA GLU B 257 -3.73 -16.02 10.03
C GLU B 257 -4.27 -15.13 11.16
N GLU B 258 -4.81 -13.97 10.81
CA GLU B 258 -5.47 -13.12 11.80
C GLU B 258 -6.62 -13.92 12.41
N LEU B 259 -7.54 -14.43 11.61
CA LEU B 259 -8.70 -15.18 12.13
C LEU B 259 -8.35 -16.36 13.03
N SER B 260 -7.21 -17.00 12.81
CA SER B 260 -6.78 -18.15 13.64
C SER B 260 -5.94 -17.76 14.87
N ASN B 261 -5.77 -16.47 15.09
CA ASN B 261 -4.87 -15.92 16.11
C ASN B 261 -3.41 -16.47 16.02
N GLY B 262 -2.87 -16.47 14.80
CA GLY B 262 -1.50 -16.92 14.52
C GLY B 262 -1.28 -18.43 14.51
N GLN B 263 -2.37 -19.19 14.58
CA GLN B 263 -2.27 -20.63 14.79
C GLN B 263 -2.17 -21.43 13.49
N MET B 264 -2.72 -20.89 12.40
CA MET B 264 -2.79 -21.60 11.14
C MET B 264 -1.52 -21.41 10.37
N LYS B 265 -0.87 -22.51 10.00
CA LYS B 265 0.29 -22.49 9.11
C LYS B 265 -0.18 -22.65 7.66
N VAL B 266 0.27 -21.76 6.80
CA VAL B 266 -0.11 -21.70 5.41
C VAL B 266 1.07 -22.11 4.52
N GLU B 267 0.79 -22.76 3.40
CA GLU B 267 1.81 -23.10 2.42
C GLU B 267 1.22 -23.00 1.03
N TYR B 268 2.13 -22.94 0.05
CA TYR B 268 1.82 -22.83 -1.37
C TYR B 268 2.49 -23.98 -2.10
N VAL B 269 1.78 -24.63 -3.01
CA VAL B 269 2.39 -25.65 -3.84
C VAL B 269 1.60 -25.80 -5.12
N SER B 270 2.30 -26.08 -6.20
CA SER B 270 1.69 -26.37 -7.50
C SER B 270 1.53 -27.86 -7.67
N LEU B 271 0.83 -28.26 -8.72
CA LEU B 271 0.73 -29.69 -9.08
C LEU B 271 2.07 -30.25 -9.57
N LYS B 272 2.86 -29.43 -10.28
CA LYS B 272 4.20 -29.82 -10.75
C LYS B 272 5.08 -30.19 -9.56
N ALA B 273 5.11 -29.32 -8.57
CA ALA B 273 5.86 -29.54 -7.32
C ALA B 273 5.19 -30.58 -6.42
N GLY B 274 3.86 -30.67 -6.49
CA GLY B 274 3.11 -31.64 -5.75
C GLY B 274 3.43 -33.08 -6.06
N TYR B 275 3.88 -33.36 -7.28
CA TYR B 275 4.25 -34.73 -7.64
C TYR B 275 5.25 -35.34 -6.64
N GLU B 276 6.29 -34.57 -6.32
CA GLU B 276 7.33 -34.98 -5.39
C GLU B 276 6.95 -34.67 -3.93
N GLN B 277 6.28 -33.54 -3.70
CA GLN B 277 6.09 -32.99 -2.35
C GLN B 277 4.79 -33.39 -1.64
N LEU B 278 3.78 -33.85 -2.39
CA LEU B 278 2.54 -34.37 -1.82
C LEU B 278 2.56 -35.90 -1.80
N LYS B 279 2.26 -36.48 -0.64
CA LYS B 279 2.11 -37.92 -0.49
C LYS B 279 0.80 -38.25 0.21
N LEU B 280 0.32 -39.46 -0.03
CA LEU B 280 -0.82 -40.00 0.68
C LEU B 280 -0.29 -40.88 1.82
N GLY B 281 -0.58 -40.49 3.07
CA GLY B 281 -0.14 -41.26 4.24
C GLY B 281 -0.94 -42.55 4.36
N GLU B 282 -0.46 -43.50 5.15
CA GLU B 282 -1.16 -44.79 5.29
C GLU B 282 -2.54 -44.70 6.03
N ASP B 283 -2.79 -43.59 6.72
CA ASP B 283 -4.13 -43.26 7.27
C ASP B 283 -4.98 -42.34 6.36
N TYR B 284 -4.57 -42.19 5.09
CA TYR B 284 -5.18 -41.26 4.11
C TYR B 284 -5.02 -39.75 4.38
N SER B 285 -4.09 -39.39 5.25
CA SER B 285 -3.68 -37.99 5.39
C SER B 285 -3.00 -37.50 4.13
N LEU B 286 -3.26 -36.25 3.76
CA LEU B 286 -2.45 -35.57 2.76
C LEU B 286 -1.21 -35.02 3.45
N LEU B 287 -0.03 -35.35 2.92
CA LEU B 287 1.24 -34.90 3.49
C LEU B 287 1.99 -33.97 2.52
N LEU B 288 2.22 -32.72 2.92
CA LEU B 288 3.05 -31.79 2.13
C LEU B 288 4.41 -31.77 2.80
N ASN B 289 5.41 -32.36 2.13
CA ASN B 289 6.75 -32.53 2.72
C ASN B 289 6.68 -33.09 4.14
N GLY B 290 5.85 -34.12 4.33
CA GLY B 290 5.71 -34.78 5.61
C GLY B 290 4.84 -34.11 6.68
N GLU B 291 4.13 -33.04 6.36
CA GLU B 291 3.21 -32.41 7.32
C GLU B 291 1.75 -32.57 6.90
N ILE B 292 0.89 -32.86 7.87
CA ILE B 292 -0.53 -33.03 7.63
C ILE B 292 -1.16 -31.73 7.08
N VAL B 293 -1.96 -31.88 6.03
CA VAL B 293 -2.67 -30.79 5.35
C VAL B 293 -4.16 -30.93 5.66
N GLY B 294 -4.77 -29.86 6.15
CA GLY B 294 -6.18 -29.87 6.49
C GLY B 294 -7.10 -29.31 5.41
N VAL B 295 -6.62 -28.34 4.62
CA VAL B 295 -7.41 -27.78 3.51
C VAL B 295 -6.54 -27.57 2.29
N VAL B 296 -7.03 -27.97 1.11
CA VAL B 296 -6.39 -27.68 -0.17
C VAL B 296 -7.34 -26.75 -0.94
N TYR B 297 -6.96 -25.48 -1.04
CA TYR B 297 -7.76 -24.51 -1.74
C TYR B 297 -7.15 -24.37 -3.11
N SER B 298 -7.89 -24.80 -4.13
CA SER B 298 -7.40 -24.81 -5.51
C SER B 298 -7.69 -23.52 -6.23
N THR B 299 -6.64 -22.92 -6.78
CA THR B 299 -6.75 -21.87 -7.80
C THR B 299 -6.18 -22.38 -9.14
N ILE B 300 -5.93 -23.69 -9.23
CA ILE B 300 -5.57 -24.35 -10.49
C ILE B 300 -6.81 -25.12 -10.95
N SER B 301 -7.49 -24.59 -11.96
CA SER B 301 -8.75 -25.15 -12.48
C SER B 301 -8.59 -26.59 -12.96
N ALA B 302 -9.48 -27.47 -12.55
CA ALA B 302 -9.42 -28.86 -12.95
C ALA B 302 -9.77 -29.01 -14.44
N LEU B 303 -10.82 -28.32 -14.88
CA LEU B 303 -11.20 -28.30 -16.32
C LEU B 303 -10.32 -27.40 -17.19
N GLY B 304 -9.93 -26.23 -16.67
CA GLY B 304 -9.19 -25.22 -17.45
C GLY B 304 -7.71 -25.51 -17.64
N HIS B 305 -7.04 -25.96 -16.59
CA HIS B 305 -5.60 -26.20 -16.64
C HIS B 305 -5.34 -27.57 -17.26
N GLN B 306 -4.66 -27.58 -18.40
CA GLN B 306 -4.28 -28.80 -19.10
C GLN B 306 -3.07 -29.40 -18.40
N ALA B 307 -3.31 -30.41 -17.56
CA ALA B 307 -2.30 -30.91 -16.64
C ALA B 307 -1.57 -32.09 -17.24
N ASN B 308 -0.26 -32.19 -17.00
CA ASN B 308 0.53 -33.33 -17.47
C ASN B 308 0.40 -34.53 -16.50
N ALA B 309 1.08 -35.64 -16.82
CA ALA B 309 0.95 -36.89 -16.05
C ALA B 309 1.40 -36.77 -14.58
N ARG B 310 2.46 -36.01 -14.35
CA ARG B 310 2.95 -35.77 -12.99
C ARG B 310 1.95 -34.93 -12.21
N GLU B 311 1.37 -33.93 -12.88
CA GLU B 311 0.36 -33.06 -12.28
C GLU B 311 -0.94 -33.79 -11.95
N MET B 312 -1.34 -34.74 -12.79
CA MET B 312 -2.54 -35.55 -12.50
C MET B 312 -2.34 -36.50 -11.33
N GLU B 313 -1.12 -37.01 -11.14
CA GLU B 313 -0.84 -37.88 -9.98
C GLU B 313 -0.88 -37.09 -8.67
N ALA B 314 -0.55 -35.80 -8.73
CA ALA B 314 -0.67 -34.94 -7.57
C ALA B 314 -2.14 -34.64 -7.27
N ARG B 315 -2.91 -34.36 -8.32
CA ARG B 315 -4.36 -34.19 -8.22
C ARG B 315 -5.02 -35.42 -7.62
N ARG B 316 -4.61 -36.61 -8.05
CA ARG B 316 -5.11 -37.88 -7.51
C ARG B 316 -4.79 -38.04 -6.00
N THR B 317 -3.53 -37.85 -5.63
CA THR B 317 -3.10 -37.88 -4.22
C THR B 317 -3.96 -37.01 -3.33
N ILE B 318 -4.17 -35.76 -3.76
CA ILE B 318 -5.01 -34.79 -3.05
C ILE B 318 -6.41 -35.39 -2.89
N GLU B 319 -6.95 -35.87 -3.99
CA GLU B 319 -8.34 -36.31 -4.01
C GLU B 319 -8.62 -37.54 -3.16
N LEU B 320 -7.66 -38.47 -3.11
CA LEU B 320 -7.83 -39.68 -2.30
C LEU B 320 -7.55 -39.45 -0.81
N SER B 321 -7.12 -38.24 -0.43
CA SER B 321 -6.76 -37.94 0.96
C SER B 321 -7.97 -37.49 1.78
N ASN B 322 -7.77 -37.35 3.09
CA ASN B 322 -8.81 -36.86 4.00
C ASN B 322 -8.77 -35.35 4.22
N ALA B 323 -7.95 -34.63 3.46
CA ALA B 323 -8.00 -33.17 3.46
C ALA B 323 -9.34 -32.66 2.94
N ILE B 324 -9.82 -31.59 3.56
CA ILE B 324 -11.00 -30.89 3.10
C ILE B 324 -10.56 -30.17 1.84
N LYS B 325 -11.29 -30.38 0.75
CA LYS B 325 -10.90 -29.81 -0.53
C LYS B 325 -11.84 -28.68 -0.83
N ALA B 326 -11.27 -27.58 -1.30
CA ALA B 326 -12.03 -26.39 -1.66
C ALA B 326 -11.62 -25.98 -3.08
N PRO B 327 -12.25 -26.54 -4.12
CA PRO B 327 -13.28 -27.58 -4.04
C PRO B 327 -12.71 -28.98 -4.25
N SER B 328 -13.55 -29.99 -4.04
CA SER B 328 -13.22 -31.35 -4.44
C SER B 328 -13.25 -31.44 -5.94
N LEU B 329 -12.58 -32.44 -6.47
CA LEU B 329 -12.51 -32.66 -7.90
C LEU B 329 -13.90 -32.87 -8.52
N ALA B 330 -14.77 -33.67 -7.87
CA ALA B 330 -16.13 -33.90 -8.37
C ALA B 330 -16.92 -32.60 -8.51
N ILE B 331 -16.77 -31.71 -7.54
CA ILE B 331 -17.38 -30.38 -7.60
C ILE B 331 -16.76 -29.55 -8.71
N ALA B 332 -15.44 -29.64 -8.91
CA ALA B 332 -14.77 -28.86 -9.94
C ALA B 332 -15.23 -29.26 -11.34
N ILE B 333 -15.32 -30.56 -11.58
CA ILE B 333 -15.71 -31.04 -12.90
C ILE B 333 -17.23 -31.06 -13.13
N SER B 334 -18.04 -30.72 -12.12
CA SER B 334 -19.50 -30.59 -12.30
C SER B 334 -19.92 -29.39 -13.17
N SER B 335 -19.00 -28.44 -13.40
CA SER B 335 -19.27 -27.20 -14.10
C SER B 335 -18.76 -27.19 -15.54
N SER B 336 -18.81 -28.34 -16.21
CA SER B 336 -18.46 -28.45 -17.63
C SER B 336 -19.63 -27.98 -18.48
N LYS B 337 -19.35 -27.59 -19.72
CA LYS B 337 -20.41 -27.25 -20.68
C LYS B 337 -21.40 -28.39 -20.90
N LYS B 338 -20.92 -29.63 -20.93
CA LYS B 338 -21.82 -30.80 -21.09
C LYS B 338 -22.84 -30.88 -19.97
N ILE B 339 -22.41 -30.68 -18.73
CA ILE B 339 -23.32 -30.70 -17.59
C ILE B 339 -24.28 -29.50 -17.63
N GLN B 340 -23.78 -28.34 -18.04
CA GLN B 340 -24.65 -27.16 -18.26
C GLN B 340 -25.80 -27.48 -19.22
N GLN B 341 -25.46 -28.13 -20.33
CA GLN B 341 -26.44 -28.52 -21.33
C GLN B 341 -27.44 -29.56 -20.80
N LEU B 342 -26.95 -30.67 -20.25
CA LEU B 342 -27.80 -31.72 -19.63
C LEU B 342 -28.79 -31.17 -18.62
N LEU B 343 -28.40 -30.14 -17.90
CA LEU B 343 -29.26 -29.53 -16.89
C LEU B 343 -30.46 -28.81 -17.47
N THR B 344 -30.42 -28.46 -18.75
CA THR B 344 -31.56 -27.82 -19.42
C THR B 344 -32.60 -28.80 -19.94
N THR B 345 -32.29 -30.10 -19.96
CA THR B 345 -33.21 -31.09 -20.52
C THR B 345 -34.34 -31.38 -19.51
N PRO B 346 -35.60 -31.48 -19.98
CA PRO B 346 -36.75 -31.63 -19.07
C PRO B 346 -36.61 -32.77 -18.06
N GLY B 347 -37.02 -32.51 -16.82
CA GLY B 347 -36.90 -33.49 -15.76
C GLY B 347 -35.53 -33.63 -15.12
N THR B 348 -34.48 -33.06 -15.73
CA THR B 348 -33.13 -33.20 -15.19
C THR B 348 -32.94 -32.34 -13.94
N LEU B 349 -33.40 -31.08 -13.94
CA LEU B 349 -33.38 -30.25 -12.71
C LEU B 349 -34.17 -30.91 -11.58
N GLU B 350 -35.33 -31.49 -11.96
CA GLU B 350 -36.20 -32.18 -11.01
C GLU B 350 -35.60 -33.46 -10.38
N ARG B 351 -34.61 -34.07 -11.00
CA ARG B 351 -33.83 -35.15 -10.36
C ARG B 351 -33.19 -34.68 -9.04
N PHE B 352 -32.68 -33.45 -9.03
CA PHE B 352 -31.99 -32.88 -7.87
C PHE B 352 -32.93 -32.12 -6.93
N PHE B 353 -34.04 -31.60 -7.46
CA PHE B 353 -35.11 -31.02 -6.67
C PHE B 353 -36.43 -31.78 -6.97
N PRO B 354 -36.60 -32.99 -6.38
CA PRO B 354 -37.75 -33.85 -6.75
C PRO B 354 -39.12 -33.40 -6.23
N SER B 355 -39.14 -32.74 -5.08
CA SER B 355 -40.36 -32.39 -4.39
C SER B 355 -41.09 -31.21 -5.03
N ALA B 356 -42.42 -31.23 -5.05
CA ALA B 356 -43.23 -30.04 -5.40
C ALA B 356 -42.89 -28.76 -4.59
N THR B 357 -42.37 -28.94 -3.38
CA THR B 357 -41.93 -27.83 -2.54
C THR B 357 -40.75 -27.06 -3.12
N GLU B 358 -39.94 -27.73 -3.93
CA GLU B 358 -38.77 -27.14 -4.57
C GLU B 358 -38.97 -26.74 -6.05
N ALA B 359 -40.22 -26.76 -6.54
CA ALA B 359 -40.53 -26.30 -7.89
C ALA B 359 -40.21 -24.81 -8.09
N ASP B 360 -40.30 -23.99 -7.04
CA ASP B 360 -39.93 -22.56 -7.08
C ASP B 360 -38.44 -22.32 -7.37
N LYS B 361 -37.57 -23.17 -6.81
CA LYS B 361 -36.13 -23.13 -7.10
C LYS B 361 -35.85 -23.55 -8.53
N VAL B 362 -36.47 -24.64 -8.94
CA VAL B 362 -36.37 -25.17 -10.31
C VAL B 362 -36.78 -24.12 -11.33
N ALA B 363 -37.93 -23.48 -11.12
CA ALA B 363 -38.42 -22.43 -12.01
C ALA B 363 -37.51 -21.22 -12.03
N ALA B 364 -36.94 -20.85 -10.89
CA ALA B 364 -36.10 -19.64 -10.81
C ALA B 364 -34.77 -19.84 -11.52
N ILE B 365 -34.19 -21.00 -11.33
CA ILE B 365 -33.01 -21.44 -12.08
C ILE B 365 -33.33 -21.58 -13.61
N ARG B 366 -34.43 -22.22 -13.95
N ARG B 366 -34.43 -22.23 -13.95
CA ARG B 366 -34.80 -22.51 -15.34
CA ARG B 366 -34.75 -22.51 -15.36
C ARG B 366 -34.97 -21.25 -16.19
C ARG B 366 -34.96 -21.24 -16.20
N GLU B 367 -35.50 -20.18 -15.61
CA GLU B 367 -35.72 -18.94 -16.38
C GLU B 367 -34.44 -18.22 -16.72
N THR B 368 -33.33 -18.51 -16.02
CA THR B 368 -32.02 -18.00 -16.42
C THR B 368 -31.33 -18.83 -17.52
N PHE B 369 -31.88 -19.99 -17.88
CA PHE B 369 -31.33 -20.80 -18.99
C PHE B 369 -31.80 -20.27 -20.31
N THR B 370 -30.90 -20.26 -21.29
CA THR B 370 -31.26 -20.18 -22.71
C THR B 370 -31.16 -21.57 -23.32
N GLY B 371 -31.39 -21.70 -24.63
CA GLY B 371 -31.34 -23.01 -25.29
C GLY B 371 -29.95 -23.64 -25.29
N LEU B 372 -29.85 -24.90 -24.85
CA LEU B 372 -28.64 -25.71 -25.07
C LEU B 372 -29.01 -27.12 -25.54
N TRP B 373 -28.22 -27.66 -26.47
CA TRP B 373 -28.48 -28.98 -27.08
C TRP B 373 -27.19 -29.79 -27.25
N GLY B 374 -27.30 -31.11 -27.05
CA GLY B 374 -26.19 -32.06 -27.26
C GLY B 374 -26.05 -32.60 -28.67
N HIS B 429 -18.63 -31.03 -28.92
CA HIS B 429 -18.96 -30.13 -27.83
C HIS B 429 -20.52 -30.02 -27.76
N ILE B 430 -21.08 -28.84 -27.49
CA ILE B 430 -22.54 -28.62 -27.42
C ILE B 430 -22.93 -27.33 -28.18
N LEU B 431 -24.19 -27.26 -28.63
CA LEU B 431 -24.74 -26.05 -29.29
C LEU B 431 -25.50 -25.20 -28.28
N MET B 432 -25.29 -23.89 -28.32
CA MET B 432 -25.94 -22.93 -27.41
C MET B 432 -26.56 -21.80 -28.23
N GLN B 433 -27.71 -21.31 -27.78
CA GLN B 433 -28.37 -20.16 -28.41
C GLN B 433 -27.52 -18.90 -28.20
N LYS B 434 -27.41 -18.08 -29.24
CA LYS B 434 -26.60 -16.87 -29.19
C LYS B 434 -27.36 -15.77 -28.45
N LEU B 435 -26.68 -15.13 -27.50
CA LEU B 435 -27.26 -14.03 -26.73
C LEU B 435 -26.74 -12.70 -27.30
N ILE B 436 -27.62 -11.71 -27.35
CA ILE B 436 -27.31 -10.35 -27.85
C ILE B 436 -27.23 -9.36 -26.66
N PRO B 437 -26.01 -9.10 -26.15
CA PRO B 437 -25.89 -8.28 -24.93
C PRO B 437 -26.13 -6.79 -25.08
N MET B 438 -26.35 -6.12 -23.95
CA MET B 438 -26.52 -4.70 -23.88
C MET B 438 -25.15 -4.03 -24.08
N ALA B 439 -25.13 -3.01 -24.94
CA ALA B 439 -23.93 -2.27 -25.24
C ALA B 439 -23.95 -0.93 -24.50
N THR B 440 -22.80 -0.53 -23.96
CA THR B 440 -22.62 0.83 -23.42
C THR B 440 -21.25 1.35 -23.81
N LYS B 441 -20.90 2.55 -23.32
CA LYS B 441 -19.59 3.10 -23.49
C LYS B 441 -18.86 3.20 -22.15
N ASN B 442 -17.54 3.04 -22.20
CA ASN B 442 -16.69 3.13 -21.01
C ASN B 442 -15.24 3.26 -21.43
N TYR B 443 -14.39 3.67 -20.49
CA TYR B 443 -12.96 3.84 -20.67
C TYR B 443 -12.29 2.68 -19.95
N PHE B 444 -11.23 2.13 -20.54
CA PHE B 444 -10.44 1.11 -19.86
C PHE B 444 -9.13 1.70 -19.31
N LEU B 445 -8.80 1.34 -18.08
CA LEU B 445 -7.49 1.63 -17.50
C LEU B 445 -6.67 0.36 -17.54
N ARG B 446 -5.57 0.41 -18.28
CA ARG B 446 -4.62 -0.67 -18.35
C ARG B 446 -3.20 -0.11 -18.23
N PRO B 447 -2.30 -0.84 -17.54
CA PRO B 447 -0.91 -0.39 -17.44
C PRO B 447 -0.31 0.08 -18.78
N PHE B 448 0.14 1.34 -18.82
CA PHE B 448 0.84 1.92 -19.96
C PHE B 448 0.04 2.11 -21.26
N HIS B 449 -1.29 2.15 -21.19
CA HIS B 449 -2.11 2.43 -22.38
C HIS B 449 -3.03 3.59 -22.07
N GLU B 450 -3.09 4.56 -22.97
CA GLU B 450 -3.99 5.69 -22.81
C GLU B 450 -5.45 5.21 -22.89
N PRO B 451 -6.28 5.63 -21.93
CA PRO B 451 -7.68 5.26 -21.98
C PRO B 451 -8.40 5.98 -23.12
N LYS B 452 -9.40 5.32 -23.69
CA LYS B 452 -10.29 5.94 -24.65
C LYS B 452 -11.69 5.35 -24.60
N LEU B 453 -12.64 6.04 -25.21
CA LEU B 453 -14.03 5.63 -25.23
C LEU B 453 -14.21 4.47 -26.21
N ASN B 454 -14.65 3.32 -25.68
CA ASN B 454 -14.95 2.11 -26.46
C ASN B 454 -16.43 1.77 -26.31
N VAL B 455 -17.03 1.15 -27.34
CA VAL B 455 -18.29 0.42 -27.16
C VAL B 455 -17.97 -0.91 -26.48
N VAL B 456 -18.66 -1.19 -25.37
CA VAL B 456 -18.36 -2.34 -24.51
C VAL B 456 -19.61 -3.15 -24.14
N VAL B 457 -19.39 -4.39 -23.71
CA VAL B 457 -20.46 -5.29 -23.26
C VAL B 457 -20.01 -5.97 -21.97
N GLY B 458 -20.95 -6.13 -21.05
CA GLY B 458 -20.66 -6.64 -19.71
C GLY B 458 -21.12 -8.08 -19.53
N GLU B 459 -20.44 -8.78 -18.62
CA GLU B 459 -20.79 -10.10 -18.20
C GLU B 459 -20.79 -10.07 -16.67
N LEU B 460 -21.93 -10.36 -16.06
CA LEU B 460 -22.09 -10.27 -14.61
C LEU B 460 -21.69 -11.59 -13.99
N GLY B 461 -20.85 -11.53 -12.96
CA GLY B 461 -20.40 -12.70 -12.25
C GLY B 461 -20.95 -12.59 -10.85
N VAL B 462 -21.54 -13.67 -10.35
CA VAL B 462 -22.07 -13.74 -9.01
C VAL B 462 -21.32 -14.86 -8.27
N ASN B 463 -20.76 -14.56 -7.11
CA ASN B 463 -19.93 -15.53 -6.35
C ASN B 463 -20.63 -16.00 -5.09
N GLY B 464 -20.21 -17.14 -4.58
CA GLY B 464 -20.67 -17.58 -3.29
C GLY B 464 -19.91 -18.79 -2.85
N THR B 465 -20.23 -19.26 -1.64
CA THR B 465 -19.68 -20.51 -1.13
C THR B 465 -20.77 -21.39 -0.54
N LEU B 466 -20.51 -22.69 -0.52
CA LEU B 466 -21.34 -23.65 0.16
C LEU B 466 -20.41 -24.64 0.85
N LEU B 467 -20.55 -24.73 2.17
CA LEU B 467 -19.82 -25.70 2.98
C LEU B 467 -20.77 -26.88 3.24
N GLY B 468 -20.43 -28.04 2.72
CA GLY B 468 -21.34 -29.18 2.70
C GLY B 468 -20.73 -30.48 3.18
N ASN B 469 -21.59 -31.49 3.25
CA ASN B 469 -21.23 -32.85 3.62
C ASN B 469 -21.56 -33.80 2.44
N LEU B 470 -20.54 -34.33 1.79
CA LEU B 470 -20.69 -35.27 0.65
C LEU B 470 -21.38 -36.61 0.96
N ARG B 471 -21.31 -37.07 2.21
CA ARG B 471 -21.87 -38.36 2.61
C ARG B 471 -23.40 -38.30 2.74
N ASP B 472 -23.92 -37.32 3.49
CA ASP B 472 -25.39 -37.19 3.67
C ASP B 472 -26.02 -36.00 2.93
N GLN B 473 -25.22 -35.28 2.17
CA GLN B 473 -25.71 -34.12 1.38
C GLN B 473 -26.26 -32.93 2.18
N SER B 474 -25.91 -32.83 3.46
CA SER B 474 -26.32 -31.70 4.27
C SER B 474 -25.42 -30.49 4.01
N VAL B 475 -25.90 -29.34 4.44
CA VAL B 475 -25.32 -28.06 4.13
C VAL B 475 -25.15 -27.26 5.43
N ARG B 476 -23.93 -26.80 5.69
CA ARG B 476 -23.66 -26.00 6.88
C ARG B 476 -23.80 -24.48 6.64
N HIS B 477 -23.58 -24.03 5.43
CA HIS B 477 -23.43 -22.61 5.12
C HIS B 477 -23.56 -22.46 3.60
N ASN B 478 -24.62 -21.83 3.11
CA ASN B 478 -24.83 -21.65 1.67
C ASN B 478 -25.20 -20.21 1.43
N VAL B 479 -24.25 -19.41 0.97
CA VAL B 479 -24.46 -17.98 0.79
C VAL B 479 -23.97 -17.45 -0.56
N GLN B 480 -24.68 -16.46 -1.07
CA GLN B 480 -24.18 -15.61 -2.12
C GLN B 480 -23.41 -14.49 -1.47
N SER B 481 -22.25 -14.18 -2.01
CA SER B 481 -21.44 -13.04 -1.54
C SER B 481 -20.41 -12.69 -2.58
N GLY B 482 -20.54 -11.49 -3.08
CA GLY B 482 -19.59 -10.94 -4.04
C GLY B 482 -20.11 -11.04 -5.45
N HIS B 483 -19.65 -10.11 -6.27
CA HIS B 483 -19.97 -10.10 -7.68
C HIS B 483 -18.89 -9.32 -8.40
N LEU B 484 -19.02 -9.27 -9.72
CA LEU B 484 -18.16 -8.47 -10.55
C LEU B 484 -18.85 -8.20 -11.87
N LEU B 485 -18.28 -7.27 -12.64
CA LEU B 485 -18.55 -7.19 -14.07
C LEU B 485 -17.24 -7.46 -14.77
N ARG B 486 -17.29 -8.25 -15.83
CA ARG B 486 -16.18 -8.40 -16.75
C ARG B 486 -16.61 -7.70 -18.02
N THR B 487 -15.87 -6.67 -18.43
CA THR B 487 -16.27 -5.84 -19.56
C THR B 487 -15.23 -5.93 -20.66
N LYS B 488 -15.71 -6.17 -21.89
CA LYS B 488 -14.87 -6.31 -23.08
C LYS B 488 -15.25 -5.27 -24.15
N LEU B 489 -14.33 -4.99 -25.08
CA LEU B 489 -14.67 -4.37 -26.37
C LEU B 489 -15.67 -5.27 -27.06
N ARG B 490 -16.71 -4.68 -27.67
CA ARG B 490 -17.73 -5.49 -28.35
C ARG B 490 -17.20 -6.16 -29.65
N GLY B 502 -10.98 -9.20 -20.93
CA GLY B 502 -11.17 -7.74 -20.98
C GLY B 502 -10.69 -7.03 -19.70
N VAL B 503 -11.58 -6.32 -19.00
CA VAL B 503 -11.20 -5.66 -17.75
C VAL B 503 -12.24 -5.86 -16.66
N GLY B 504 -11.78 -5.66 -15.42
CA GLY B 504 -12.62 -5.71 -14.25
C GLY B 504 -13.47 -4.47 -14.18
N ASP B 505 -14.69 -4.62 -13.65
CA ASP B 505 -15.68 -3.56 -13.70
C ASP B 505 -16.66 -3.87 -12.56
N SER B 506 -17.55 -2.95 -12.25
CA SER B 506 -18.58 -3.18 -11.24
C SER B 506 -19.88 -2.48 -11.69
N PRO B 507 -21.05 -3.01 -11.29
CA PRO B 507 -22.28 -2.50 -11.86
C PRO B 507 -22.73 -1.18 -11.23
N TYR B 508 -23.33 -0.30 -12.02
CA TYR B 508 -24.02 0.88 -11.53
C TYR B 508 -25.49 0.68 -11.88
N LEU B 509 -26.33 0.46 -10.86
CA LEU B 509 -27.67 -0.09 -11.10
C LEU B 509 -28.71 0.96 -11.47
N PHE B 510 -29.56 0.67 -12.47
CA PHE B 510 -30.63 1.59 -12.90
C PHE B 510 -32.06 1.04 -12.99
PB ADP C . 21.98 15.52 5.41
O1B ADP C . 21.23 16.84 5.28
O2B ADP C . 21.15 14.42 6.09
O3B ADP C . 22.67 15.09 4.13
PA ADP C . 23.96 15.12 7.52
O1A ADP C . 24.80 16.13 8.24
O2A ADP C . 22.92 14.39 8.33
O3A ADP C . 23.27 15.94 6.32
O5' ADP C . 25.03 14.13 6.82
C5' ADP C . 24.72 12.87 6.22
C4' ADP C . 25.26 11.66 7.00
O4' ADP C . 26.63 11.77 7.45
C3' ADP C . 24.49 11.34 8.27
O3' ADP C . 23.21 10.75 8.00
C2' ADP C . 25.44 10.44 9.02
O2' ADP C . 25.42 9.07 8.55
C1' ADP C . 26.78 11.07 8.70
N9 ADP C . 27.13 12.00 9.82
C8 ADP C . 26.69 13.25 9.96
N7 ADP C . 27.20 13.81 11.07
C5 ADP C . 27.98 12.92 11.67
C6 ADP C . 28.82 12.88 12.89
N6 ADP C . 28.90 13.95 13.69
N1 ADP C . 29.48 11.73 13.15
C2 ADP C . 29.41 10.65 12.34
N3 ADP C . 28.66 10.62 11.23
C4 ADP C . 27.94 11.70 10.84
MG MG D . 20.17 13.17 7.89
MG MG E . 19.43 20.51 8.35
MG MG F . 8.45 22.15 32.61
PB ADP G . -14.75 -19.53 -20.28
O1B ADP G . -15.17 -18.24 -19.58
O2B ADP G . -14.59 -20.72 -19.36
O3B ADP G . -13.53 -19.34 -21.16
PA ADP G . -17.36 -19.27 -21.75
O1A ADP G . -17.83 -18.26 -20.73
O2A ADP G . -18.29 -20.38 -22.18
O3A ADP G . -15.94 -19.98 -21.31
O5' ADP G . -16.97 -18.45 -23.09
C5' ADP G . -16.09 -17.34 -23.10
C4' ADP G . -16.77 -16.12 -23.69
O4' ADP G . -17.51 -16.43 -24.88
C3' ADP G . -17.79 -15.45 -22.76
O3' ADP G . -17.16 -14.59 -21.80
C2' ADP G . -18.70 -14.74 -23.75
O2' ADP G . -18.13 -13.49 -24.13
C1' ADP G . -18.71 -15.66 -24.96
N9 ADP G . -19.92 -16.56 -24.98
C8 ADP G . -20.07 -17.78 -24.39
N7 ADP G . -21.29 -18.30 -24.64
C5 ADP G . -21.96 -17.40 -25.41
C6 ADP G . -23.31 -17.29 -26.05
N6 ADP G . -24.21 -18.29 -25.89
N1 ADP G . -23.61 -16.18 -26.77
C2 ADP G . -22.72 -15.17 -26.93
N3 ADP G . -21.48 -15.19 -26.39
C4 ADP G . -21.05 -16.26 -25.63
MG MG H . -16.38 -16.72 -18.82
MG MG I . -17.72 -24.19 -16.85
#